data_6C8R
#
_entry.id   6C8R
#
_cell.length_a   58.440
_cell.length_b   116.233
_cell.length_c   136.679
_cell.angle_alpha   90.00
_cell.angle_beta   90.00
_cell.angle_gamma   90.00
#
_symmetry.space_group_name_H-M   'P 21 21 21'
#
loop_
_entity.id
_entity.type
_entity.pdbx_description
1 polymer 'Loganic acid O-methyltransferase'
2 non-polymer S-ADENOSYL-L-HOMOCYSTEINE
3 non-polymer 'Loganic acid'
4 water water
#
_entity_poly.entity_id   1
_entity_poly.type   'polypeptide(L)'
_entity_poly.pdbx_seq_one_letter_code
;MVATIDSIEMPALPTAVEAHPMKGGDDSHSYSQNSCYQKGVIDAAKAVIVEAVNEKLDLENNPIFDPIKPFRIADFGCST
GPNTFHAMQNIVESVETKYKSLQKTPEFHVFFNDHVNNDFNVLFRSLPPNREFFAAGVPGSFYTRVFPKNSIHFAHCSYA
LHWLSKVPKEIQDKNSLAYNKGRIHYTGTEKHVVKAYFGQFQRDFEGFLKARAQEIVVGGLMVIQIPGLPSGEVLFSRTG
AGLLHFLLGTSLMELVNKGIINEESVDSFNLPQYHPSVEDLEMVIEMNDCFTIERVGTLPHPMKNLPFDVQRTSLQVRAI
MECILTEHFGENILDPLFEIYTKNLQENFHVFDKEIRKDADLYLVLKRKGNLEHHHHHH
;
_entity_poly.pdbx_strand_id   A,B
#
# COMPACT_ATOMS: atom_id res chain seq x y z
N VAL A 17 -0.47 7.18 17.83
CA VAL A 17 -1.53 6.59 17.01
C VAL A 17 -2.20 5.42 17.73
N GLU A 18 -1.40 4.64 18.46
CA GLU A 18 -1.90 3.50 19.26
C GLU A 18 -2.62 2.48 18.38
N ALA A 19 -1.91 1.99 17.36
CA ALA A 19 -2.49 1.10 16.36
C ALA A 19 -2.31 -0.38 16.68
N HIS A 20 -3.37 -1.17 16.49
CA HIS A 20 -3.30 -2.62 16.72
C HIS A 20 -3.97 -3.41 15.58
N PRO A 21 -3.24 -3.62 14.46
CA PRO A 21 -3.81 -4.40 13.36
C PRO A 21 -3.90 -5.89 13.71
N MET A 22 -4.57 -6.65 12.84
CA MET A 22 -4.76 -8.08 13.06
C MET A 22 -3.51 -8.85 12.66
N LYS A 23 -3.42 -10.10 13.11
CA LYS A 23 -2.24 -10.94 12.83
C LYS A 23 -2.04 -11.12 11.31
N GLY A 24 -0.89 -10.69 10.80
CA GLY A 24 -0.72 -10.50 9.37
C GLY A 24 0.24 -11.37 8.59
N GLY A 25 -0.18 -12.58 8.27
CA GLY A 25 0.55 -13.43 7.34
C GLY A 25 -0.51 -14.05 6.47
N ASP A 26 -0.27 -15.27 6.01
CA ASP A 26 -1.31 -16.01 5.29
C ASP A 26 -1.43 -17.44 5.84
N ASP A 27 -0.67 -17.72 6.89
CA ASP A 27 -0.60 -19.05 7.49
C ASP A 27 -1.77 -19.35 8.44
N SER A 28 -1.54 -20.32 9.33
CA SER A 28 -2.59 -20.85 10.20
C SER A 28 -2.98 -19.89 11.33
N HIS A 29 -2.04 -19.05 11.76
CA HIS A 29 -2.30 -18.12 12.86
C HIS A 29 -2.65 -16.72 12.38
N SER A 30 -2.72 -16.53 11.06
CA SER A 30 -2.99 -15.22 10.46
C SER A 30 -4.48 -14.83 10.51
N TYR A 31 -4.74 -13.53 10.32
CA TYR A 31 -6.12 -13.03 10.28
C TYR A 31 -6.84 -13.57 9.05
N SER A 32 -6.13 -13.58 7.92
CA SER A 32 -6.67 -14.09 6.67
C SER A 32 -7.48 -15.41 6.80
N GLN A 33 -7.03 -16.28 7.70
CA GLN A 33 -7.48 -17.65 7.84
C GLN A 33 -7.88 -17.93 9.31
N ASN A 34 -8.36 -16.86 9.95
CA ASN A 34 -9.11 -16.93 11.22
C ASN A 34 -10.10 -15.77 11.25
N SER A 35 -10.64 -15.41 10.10
CA SER A 35 -11.62 -14.31 10.04
C SER A 35 -12.95 -14.71 9.42
N CYS A 36 -13.36 -15.95 9.67
CA CYS A 36 -14.58 -16.52 9.11
C CYS A 36 -15.86 -15.86 9.63
N TYR A 37 -15.85 -15.44 10.89
CA TYR A 37 -17.01 -14.76 11.45
C TYR A 37 -17.25 -13.43 10.73
N GLN A 38 -16.19 -12.66 10.58
CA GLN A 38 -16.26 -11.35 9.94
C GLN A 38 -16.60 -11.48 8.44
N LYS A 39 -16.38 -12.67 7.87
CA LYS A 39 -16.76 -12.94 6.48
C LYS A 39 -18.26 -13.21 6.36
N GLY A 40 -18.83 -13.91 7.35
CA GLY A 40 -20.25 -14.18 7.38
C GLY A 40 -21.03 -12.88 7.50
N VAL A 41 -20.45 -11.93 8.22
CA VAL A 41 -21.01 -10.58 8.35
C VAL A 41 -21.06 -9.91 6.98
N ILE A 42 -19.99 -10.04 6.20
CA ILE A 42 -19.96 -9.55 4.82
C ILE A 42 -20.96 -10.26 3.90
N ASP A 43 -21.03 -11.59 4.01
CA ASP A 43 -21.92 -12.41 3.18
C ASP A 43 -23.39 -12.01 3.36
N ALA A 44 -23.80 -11.81 4.62
CA ALA A 44 -25.15 -11.34 4.94
C ALA A 44 -25.30 -9.87 4.57
N ALA A 45 -24.18 -9.15 4.55
CA ALA A 45 -24.19 -7.74 4.26
C ALA A 45 -24.36 -7.45 2.77
N LYS A 46 -24.14 -8.46 1.92
CA LYS A 46 -24.25 -8.24 0.47
C LYS A 46 -25.62 -7.70 0.13
N ALA A 47 -26.64 -8.27 0.76
CA ALA A 47 -28.01 -7.78 0.58
C ALA A 47 -28.13 -6.31 0.95
N VAL A 48 -27.40 -5.91 2.00
CA VAL A 48 -27.43 -4.52 2.47
C VAL A 48 -26.84 -3.60 1.39
N ILE A 49 -25.69 -4.00 0.87
CA ILE A 49 -25.02 -3.27 -0.22
C ILE A 49 -25.93 -3.13 -1.43
N VAL A 50 -26.51 -4.24 -1.87
CA VAL A 50 -27.32 -4.25 -3.08
C VAL A 50 -28.52 -3.33 -2.95
N GLU A 51 -29.21 -3.43 -1.82
CA GLU A 51 -30.39 -2.61 -1.57
C GLU A 51 -30.03 -1.12 -1.46
N ALA A 52 -28.90 -0.82 -0.83
CA ALA A 52 -28.49 0.58 -0.68
C ALA A 52 -28.15 1.19 -2.05
N VAL A 53 -27.47 0.42 -2.88
CA VAL A 53 -27.15 0.86 -4.24
C VAL A 53 -28.43 1.09 -5.04
N ASN A 54 -29.32 0.08 -5.05
CA ASN A 54 -30.53 0.17 -5.86
C ASN A 54 -31.52 1.24 -5.38
N GLU A 55 -31.66 1.44 -4.07
CA GLU A 55 -32.64 2.41 -3.56
C GLU A 55 -32.08 3.82 -3.31
N LYS A 56 -30.78 3.95 -3.05
CA LYS A 56 -30.26 5.21 -2.53
C LYS A 56 -29.04 5.78 -3.26
N LEU A 57 -28.50 5.06 -4.24
CA LEU A 57 -27.38 5.62 -5.00
C LEU A 57 -27.93 6.31 -6.25
N ASP A 58 -27.94 7.64 -6.23
CA ASP A 58 -28.66 8.39 -7.27
C ASP A 58 -27.76 8.66 -8.46
N LEU A 59 -27.66 7.68 -9.34
CA LEU A 59 -26.75 7.80 -10.48
C LEU A 59 -27.34 8.64 -11.62
N GLU A 60 -28.62 8.42 -11.91
CA GLU A 60 -29.21 8.95 -13.14
C GLU A 60 -29.23 10.48 -13.18
N ASN A 61 -28.77 11.06 -14.30
CA ASN A 61 -28.72 12.53 -14.49
C ASN A 61 -27.94 13.29 -13.42
N ASN A 62 -27.07 12.58 -12.72
CA ASN A 62 -26.36 13.18 -11.59
C ASN A 62 -24.87 13.31 -11.89
N PRO A 63 -24.40 14.56 -12.10
CA PRO A 63 -23.00 14.76 -12.47
C PRO A 63 -22.00 14.37 -11.38
N ILE A 64 -22.46 14.23 -10.13
CA ILE A 64 -21.57 13.77 -9.07
C ILE A 64 -21.01 12.38 -9.44
N PHE A 65 -21.82 11.59 -10.15
CA PHE A 65 -21.48 10.22 -10.49
C PHE A 65 -21.25 10.03 -11.99
N ASP A 66 -20.83 11.09 -12.65
CA ASP A 66 -20.50 11.10 -14.08
C ASP A 66 -19.56 9.95 -14.45
N PRO A 67 -20.07 8.98 -15.24
CA PRO A 67 -19.34 7.76 -15.58
C PRO A 67 -18.12 7.99 -16.47
N ILE A 68 -17.94 9.21 -16.95
CA ILE A 68 -16.72 9.58 -17.66
C ILE A 68 -15.56 9.69 -16.67
N LYS A 69 -15.89 9.93 -15.40
CA LYS A 69 -14.87 9.92 -14.35
C LYS A 69 -14.96 8.60 -13.58
N PRO A 70 -13.89 8.24 -12.85
CA PRO A 70 -13.94 6.93 -12.17
C PRO A 70 -14.93 6.92 -11.01
N PHE A 71 -15.48 5.75 -10.70
CA PHE A 71 -16.26 5.55 -9.47
C PHE A 71 -15.31 5.07 -8.35
N ARG A 72 -15.17 5.86 -7.30
CA ARG A 72 -14.15 5.56 -6.29
C ARG A 72 -14.78 4.97 -5.01
N ILE A 73 -14.23 3.83 -4.59
CA ILE A 73 -14.71 3.09 -3.44
C ILE A 73 -13.59 2.93 -2.41
N ALA A 74 -13.91 3.11 -1.12
CA ALA A 74 -12.90 2.97 -0.09
C ALA A 74 -13.38 2.04 1.00
N ASP A 75 -12.48 1.17 1.45
CA ASP A 75 -12.72 0.28 2.58
C ASP A 75 -11.84 0.76 3.74
N PHE A 76 -12.49 1.15 4.83
CA PHE A 76 -11.80 1.65 6.00
C PHE A 76 -11.64 0.49 7.01
N GLY A 77 -10.38 0.15 7.30
CA GLY A 77 -10.03 -0.99 8.13
C GLY A 77 -10.12 -2.30 7.37
N CYS A 78 -9.45 -2.36 6.21
CA CYS A 78 -9.56 -3.50 5.29
C CYS A 78 -8.85 -4.77 5.73
N SER A 79 -7.88 -4.64 6.63
CA SER A 79 -7.01 -5.75 7.04
C SER A 79 -6.27 -6.37 5.86
N THR A 80 -6.13 -7.69 5.83
CA THR A 80 -5.24 -8.31 4.85
C THR A 80 -5.92 -9.21 3.84
N GLY A 81 -7.25 -9.32 3.92
CA GLY A 81 -8.01 -10.19 3.04
C GLY A 81 -8.25 -11.53 3.70
N PRO A 82 -9.18 -12.35 3.15
CA PRO A 82 -9.95 -12.12 1.92
C PRO A 82 -11.21 -11.28 2.07
N ASN A 83 -11.67 -11.02 3.30
CA ASN A 83 -12.97 -10.37 3.50
C ASN A 83 -13.08 -9.05 2.75
N THR A 84 -12.02 -8.23 2.80
CA THR A 84 -12.09 -6.94 2.11
C THR A 84 -12.32 -7.13 0.60
N PHE A 85 -11.76 -8.17 -0.01
CA PHE A 85 -11.95 -8.38 -1.45
C PHE A 85 -13.40 -8.74 -1.79
N HIS A 86 -14.02 -9.59 -0.97
CA HIS A 86 -15.42 -9.96 -1.16
C HIS A 86 -16.32 -8.73 -1.04
N ALA A 87 -16.06 -7.92 -0.03
CA ALA A 87 -16.82 -6.69 0.16
C ALA A 87 -16.69 -5.76 -1.03
N MET A 88 -15.46 -5.55 -1.50
CA MET A 88 -15.25 -4.58 -2.57
C MET A 88 -15.87 -5.09 -3.87
N GLN A 89 -15.77 -6.39 -4.11
CA GLN A 89 -16.36 -6.99 -5.31
C GLN A 89 -17.90 -6.86 -5.26
N ASN A 90 -18.49 -7.05 -4.09
CA ASN A 90 -19.92 -6.79 -3.91
C ASN A 90 -20.35 -5.39 -4.31
N ILE A 91 -19.56 -4.41 -3.88
CA ILE A 91 -19.91 -3.02 -4.19
C ILE A 91 -19.71 -2.76 -5.68
N VAL A 92 -18.57 -3.16 -6.23
CA VAL A 92 -18.29 -2.94 -7.65
C VAL A 92 -19.37 -3.56 -8.52
N GLU A 93 -19.78 -4.78 -8.21
CA GLU A 93 -20.80 -5.48 -9.01
C GLU A 93 -22.19 -4.86 -8.92
N SER A 94 -22.60 -4.41 -7.74
CA SER A 94 -23.91 -3.77 -7.58
C SER A 94 -23.95 -2.43 -8.33
N VAL A 95 -22.88 -1.65 -8.18
CA VAL A 95 -22.80 -0.32 -8.81
C VAL A 95 -22.69 -0.46 -10.32
N GLU A 96 -21.90 -1.43 -10.78
CA GLU A 96 -21.73 -1.67 -12.21
C GLU A 96 -23.06 -2.09 -12.82
N THR A 97 -23.83 -2.88 -12.08
CA THR A 97 -25.15 -3.29 -12.53
C THR A 97 -26.10 -2.09 -12.71
N LYS A 98 -26.11 -1.15 -11.75
CA LYS A 98 -27.02 -0.02 -11.89
C LYS A 98 -26.62 0.87 -13.07
N TYR A 99 -25.32 1.11 -13.23
CA TYR A 99 -24.83 1.89 -14.36
C TYR A 99 -25.24 1.25 -15.68
N LYS A 100 -25.17 -0.09 -15.74
CA LYS A 100 -25.59 -0.85 -16.92
C LYS A 100 -27.05 -0.60 -17.29
N SER A 101 -27.90 -0.40 -16.28
CA SER A 101 -29.30 -0.10 -16.54
C SER A 101 -29.43 1.29 -17.17
N LEU A 102 -28.35 2.06 -17.13
CA LEU A 102 -28.32 3.41 -17.70
C LEU A 102 -27.40 3.46 -18.93
N GLN A 103 -26.97 2.29 -19.38
CA GLN A 103 -26.07 2.15 -20.54
C GLN A 103 -24.74 2.89 -20.35
N LYS A 104 -24.15 2.76 -19.17
CA LYS A 104 -22.85 3.37 -18.88
C LYS A 104 -21.90 2.37 -18.25
N THR A 105 -20.60 2.58 -18.46
CA THR A 105 -19.58 1.75 -17.82
CA THR A 105 -19.60 1.76 -17.78
C THR A 105 -18.38 2.60 -17.38
N PRO A 106 -18.35 3.02 -16.11
CA PRO A 106 -17.19 3.77 -15.61
C PRO A 106 -16.03 2.85 -15.23
N GLU A 107 -14.84 3.41 -15.14
CA GLU A 107 -13.74 2.69 -14.51
C GLU A 107 -13.97 2.75 -13.00
N PHE A 108 -13.50 1.73 -12.29
CA PHE A 108 -13.58 1.69 -10.82
C PHE A 108 -12.21 1.85 -10.19
N HIS A 109 -12.12 2.63 -9.12
CA HIS A 109 -10.87 2.81 -8.38
C HIS A 109 -11.14 2.49 -6.90
N VAL A 110 -10.56 1.40 -6.41
CA VAL A 110 -10.83 0.90 -5.07
C VAL A 110 -9.63 1.13 -4.16
N PHE A 111 -9.89 1.74 -3.00
CA PHE A 111 -8.86 2.11 -2.04
C PHE A 111 -9.00 1.31 -0.75
N PHE A 112 -7.90 0.67 -0.35
CA PHE A 112 -7.87 -0.19 0.83
C PHE A 112 -7.14 0.53 1.95
N ASN A 113 -7.88 0.97 2.96
CA ASN A 113 -7.28 1.71 4.06
C ASN A 113 -7.15 0.88 5.34
N ASP A 114 -6.04 1.05 6.03
CA ASP A 114 -5.84 0.43 7.34
C ASP A 114 -4.69 1.19 8.00
N HIS A 115 -4.38 0.82 9.24
CA HIS A 115 -3.23 1.34 9.95
C HIS A 115 -1.95 1.16 9.14
N VAL A 116 -1.00 2.05 9.37
CA VAL A 116 0.30 1.99 8.70
C VAL A 116 0.98 0.63 8.87
N ASN A 117 0.81 -0.01 10.04
CA ASN A 117 1.47 -1.29 10.27
CA ASN A 117 1.46 -1.30 10.31
C ASN A 117 0.65 -2.53 9.88
N ASN A 118 -0.50 -2.30 9.22
CA ASN A 118 -1.24 -3.40 8.58
C ASN A 118 -0.31 -4.07 7.57
N ASP A 119 -0.48 -5.37 7.33
CA ASP A 119 0.38 -6.05 6.36
C ASP A 119 -0.13 -5.86 4.92
N PHE A 120 0.18 -4.71 4.33
CA PHE A 120 -0.26 -4.43 2.96
C PHE A 120 0.46 -5.30 1.93
N ASN A 121 1.65 -5.81 2.28
CA ASN A 121 2.37 -6.75 1.40
C ASN A 121 1.48 -7.97 1.12
N VAL A 122 0.98 -8.58 2.19
CA VAL A 122 0.07 -9.72 2.08
C VAL A 122 -1.20 -9.38 1.31
N LEU A 123 -1.80 -8.24 1.64
CA LEU A 123 -2.98 -7.74 0.94
C LEU A 123 -2.72 -7.61 -0.57
N PHE A 124 -1.66 -6.89 -0.93
CA PHE A 124 -1.34 -6.62 -2.32
C PHE A 124 -1.03 -7.94 -3.04
N ARG A 125 -0.30 -8.82 -2.39
CA ARG A 125 0.10 -10.07 -3.02
C ARG A 125 -1.09 -11.01 -3.20
N SER A 126 -2.19 -10.77 -2.49
CA SER A 126 -3.37 -11.62 -2.68
C SER A 126 -4.56 -10.91 -3.35
N LEU A 127 -4.33 -9.74 -3.95
CA LEU A 127 -5.38 -9.11 -4.76
C LEU A 127 -5.85 -10.07 -5.85
N PRO A 128 -7.17 -10.20 -6.04
CA PRO A 128 -7.64 -11.05 -7.15
C PRO A 128 -7.03 -10.61 -8.47
N PRO A 129 -6.42 -11.55 -9.20
CA PRO A 129 -5.77 -11.24 -10.48
C PRO A 129 -6.80 -10.93 -11.57
N ASN A 130 -8.01 -11.43 -11.33
CA ASN A 130 -9.15 -11.33 -12.22
C ASN A 130 -9.96 -10.03 -12.06
N ARG A 131 -9.48 -9.12 -11.23
CA ARG A 131 -10.29 -7.97 -10.83
C ARG A 131 -10.54 -6.96 -11.94
N GLU A 132 -11.71 -6.35 -11.90
CA GLU A 132 -12.09 -5.29 -12.84
C GLU A 132 -12.12 -3.92 -12.17
N PHE A 133 -11.16 -3.68 -11.28
CA PHE A 133 -10.95 -2.35 -10.73
C PHE A 133 -9.47 -2.04 -10.56
N PHE A 134 -9.12 -0.76 -10.61
CA PHE A 134 -7.79 -0.34 -10.20
C PHE A 134 -7.71 -0.34 -8.67
N ALA A 135 -6.56 -0.70 -8.11
CA ALA A 135 -6.43 -0.88 -6.66
C ALA A 135 -5.31 -0.03 -6.07
N ALA A 136 -5.54 0.50 -4.87
CA ALA A 136 -4.50 1.20 -4.12
C ALA A 136 -4.66 0.97 -2.61
N GLY A 137 -3.52 0.98 -1.91
CA GLY A 137 -3.50 0.85 -0.45
C GLY A 137 -3.24 2.23 0.14
N VAL A 138 -3.93 2.53 1.23
CA VAL A 138 -3.91 3.84 1.87
C VAL A 138 -3.62 3.69 3.35
N PRO A 139 -2.37 3.88 3.73
CA PRO A 139 -1.98 3.67 5.13
C PRO A 139 -2.31 4.88 5.99
N GLY A 140 -2.90 4.67 7.17
CA GLY A 140 -3.27 5.79 8.01
C GLY A 140 -4.49 5.49 8.86
N SER A 141 -4.55 6.12 10.03
CA SER A 141 -5.72 5.98 10.89
C SER A 141 -6.95 6.59 10.25
N PHE A 142 -8.05 5.84 10.23
CA PHE A 142 -9.26 6.43 9.70
C PHE A 142 -9.95 7.40 10.66
N TYR A 143 -9.30 7.70 11.78
CA TYR A 143 -9.73 8.80 12.63
C TYR A 143 -9.08 10.11 12.15
N THR A 144 -8.35 10.03 11.04
CA THR A 144 -7.77 11.22 10.40
C THR A 144 -8.24 11.30 8.95
N ARG A 145 -7.98 12.42 8.28
CA ARG A 145 -8.19 12.52 6.83
C ARG A 145 -7.13 11.70 6.10
N VAL A 146 -7.56 10.88 5.15
CA VAL A 146 -6.63 10.10 4.35
C VAL A 146 -6.86 10.23 2.83
N PHE A 147 -7.92 10.96 2.45
CA PHE A 147 -8.22 11.27 1.04
C PHE A 147 -8.41 12.77 0.82
N PRO A 148 -8.18 13.25 -0.42
CA PRO A 148 -8.60 14.62 -0.75
C PRO A 148 -10.10 14.79 -0.59
N LYS A 149 -10.55 16.03 -0.51
CA LYS A 149 -11.98 16.32 -0.37
C LYS A 149 -12.74 15.80 -1.57
N ASN A 150 -13.98 15.36 -1.36
CA ASN A 150 -14.92 15.03 -2.44
C ASN A 150 -14.42 14.01 -3.43
N SER A 151 -13.74 12.97 -2.96
CA SER A 151 -13.16 12.00 -3.87
C SER A 151 -13.81 10.61 -3.78
N ILE A 152 -14.56 10.34 -2.72
CA ILE A 152 -15.10 8.99 -2.53
C ILE A 152 -16.59 8.93 -2.80
N HIS A 153 -16.99 7.99 -3.66
CA HIS A 153 -18.40 7.83 -4.01
C HIS A 153 -19.12 6.81 -3.14
N PHE A 154 -18.38 5.83 -2.66
CA PHE A 154 -18.98 4.78 -1.81
C PHE A 154 -17.95 4.35 -0.78
N ALA A 155 -18.27 4.50 0.51
CA ALA A 155 -17.37 4.12 1.58
C ALA A 155 -17.89 2.91 2.35
N HIS A 156 -16.98 2.10 2.87
CA HIS A 156 -17.34 0.85 3.53
C HIS A 156 -16.46 0.73 4.78
N CYS A 157 -17.05 0.29 5.88
CA CYS A 157 -16.29 0.07 7.11
C CYS A 157 -16.93 -1.04 7.90
N SER A 158 -16.27 -2.20 7.92
CA SER A 158 -16.86 -3.37 8.55
C SER A 158 -15.98 -3.91 9.68
N TYR A 159 -16.54 -4.01 10.88
CA TYR A 159 -15.84 -4.57 12.02
C TYR A 159 -14.53 -3.89 12.35
N ALA A 160 -14.55 -2.56 12.37
CA ALA A 160 -13.35 -1.81 12.68
C ALA A 160 -13.63 -0.67 13.66
N LEU A 161 -14.83 -0.10 13.60
CA LEU A 161 -15.11 1.14 14.34
C LEU A 161 -15.33 0.93 15.83
N HIS A 162 -15.43 -0.33 16.26
CA HIS A 162 -15.48 -0.60 17.69
C HIS A 162 -14.09 -0.46 18.30
N TRP A 163 -13.06 -0.39 17.46
CA TRP A 163 -11.71 -0.11 17.94
C TRP A 163 -11.49 1.39 18.15
N LEU A 164 -11.27 1.78 19.40
CA LEU A 164 -11.03 3.18 19.75
C LEU A 164 -9.64 3.62 19.33
N SER A 165 -9.39 4.92 19.29
CA SER A 165 -8.06 5.42 18.96
C SER A 165 -7.08 5.19 20.10
N LYS A 166 -7.61 5.02 21.30
CA LYS A 166 -6.81 4.78 22.50
C LYS A 166 -7.70 4.29 23.62
N VAL A 167 -7.09 3.67 24.63
CA VAL A 167 -7.73 3.50 25.93
C VAL A 167 -7.93 4.87 26.58
N PRO A 168 -9.16 5.15 27.07
CA PRO A 168 -9.44 6.38 27.83
C PRO A 168 -8.46 6.48 28.99
N LYS A 169 -7.69 7.56 29.09
CA LYS A 169 -6.60 7.58 30.06
C LYS A 169 -7.09 7.54 31.51
N GLU A 170 -8.33 7.94 31.76
CA GLU A 170 -8.78 7.97 33.13
C GLU A 170 -8.94 6.55 33.67
N ILE A 171 -9.15 5.55 32.81
CA ILE A 171 -9.32 4.21 33.36
C ILE A 171 -7.96 3.57 33.66
N GLN A 172 -6.88 4.19 33.18
CA GLN A 172 -5.53 3.74 33.47
C GLN A 172 -4.95 4.40 34.72
N ASP A 173 -5.65 5.42 35.22
CA ASP A 173 -5.18 6.21 36.35
C ASP A 173 -5.65 5.61 37.68
N LYS A 174 -4.69 5.13 38.48
CA LYS A 174 -4.99 4.49 39.78
C LYS A 174 -5.84 5.34 40.70
N ASN A 175 -5.72 6.65 40.57
CA ASN A 175 -6.43 7.58 41.44
C ASN A 175 -7.74 8.07 40.87
N SER A 176 -8.13 7.56 39.69
CA SER A 176 -9.36 8.02 39.06
C SER A 176 -10.59 7.27 39.59
N LEU A 177 -11.72 7.96 39.56
CA LEU A 177 -12.99 7.31 39.82
C LEU A 177 -13.24 6.17 38.82
N ALA A 178 -12.64 6.28 37.64
CA ALA A 178 -12.86 5.32 36.56
C ALA A 178 -11.76 4.27 36.40
N TYR A 179 -10.89 4.13 37.40
CA TYR A 179 -9.82 3.15 37.35
C TYR A 179 -10.39 1.74 37.17
N ASN A 180 -9.90 1.02 36.18
CA ASN A 180 -10.47 -0.28 35.83
C ASN A 180 -9.67 -1.43 36.45
N LYS A 181 -9.68 -1.46 37.78
CA LYS A 181 -8.91 -2.45 38.53
C LYS A 181 -9.49 -3.85 38.34
N GLY A 182 -8.60 -4.84 38.19
CA GLY A 182 -8.98 -6.24 38.19
C GLY A 182 -9.75 -6.72 36.96
N ARG A 183 -9.83 -5.85 35.93
CA ARG A 183 -10.54 -6.16 34.69
C ARG A 183 -9.79 -5.63 33.47
N ILE A 184 -10.13 -6.15 32.30
CA ILE A 184 -9.50 -5.67 31.07
C ILE A 184 -10.49 -4.97 30.13
N HIS A 185 -11.77 -4.93 30.49
CA HIS A 185 -12.75 -4.17 29.68
C HIS A 185 -13.91 -3.74 30.55
N TYR A 186 -15.08 -3.51 29.96
CA TYR A 186 -16.24 -3.12 30.77
C TYR A 186 -17.33 -4.17 30.60
N THR A 187 -18.28 -4.19 31.52
CA THR A 187 -19.38 -5.15 31.44
C THR A 187 -20.71 -4.42 31.30
N GLY A 188 -20.75 -3.17 31.75
CA GLY A 188 -21.96 -2.38 31.72
C GLY A 188 -22.34 -1.97 33.13
N THR A 189 -21.81 -2.68 34.12
CA THR A 189 -22.23 -2.46 35.50
C THR A 189 -21.45 -1.38 36.26
N GLU A 190 -20.21 -1.08 35.88
CA GLU A 190 -19.50 -0.02 36.58
C GLU A 190 -19.64 1.31 35.84
N LYS A 191 -20.41 2.19 36.46
CA LYS A 191 -20.87 3.42 35.81
C LYS A 191 -19.72 4.29 35.27
N HIS A 192 -18.64 4.38 36.03
CA HIS A 192 -17.57 5.32 35.68
C HIS A 192 -16.71 4.81 34.53
N VAL A 193 -16.45 3.51 34.50
CA VAL A 193 -15.69 2.89 33.42
C VAL A 193 -16.47 2.97 32.11
N VAL A 194 -17.77 2.67 32.15
CA VAL A 194 -18.60 2.69 30.93
C VAL A 194 -18.66 4.10 30.37
N LYS A 195 -18.80 5.08 31.25
CA LYS A 195 -18.83 6.48 30.86
C LYS A 195 -17.54 6.91 30.16
N ALA A 196 -16.40 6.48 30.71
CA ALA A 196 -15.10 6.79 30.10
C ALA A 196 -15.00 6.22 28.68
N TYR A 197 -15.36 4.94 28.52
CA TYR A 197 -15.31 4.30 27.20
C TYR A 197 -16.28 4.93 26.19
N PHE A 198 -17.49 5.19 26.65
CA PHE A 198 -18.50 5.81 25.80
C PHE A 198 -18.05 7.21 25.36
N GLY A 199 -17.46 7.95 26.30
CA GLY A 199 -16.88 9.25 25.98
C GLY A 199 -15.83 9.17 24.89
N GLN A 200 -14.93 8.20 25.01
CA GLN A 200 -13.90 8.01 23.98
C GLN A 200 -14.53 7.65 22.64
N PHE A 201 -15.52 6.77 22.66
CA PHE A 201 -16.23 6.42 21.43
C PHE A 201 -16.88 7.65 20.77
N GLN A 202 -17.51 8.51 21.56
CA GLN A 202 -18.11 9.71 20.99
C GLN A 202 -17.08 10.55 20.26
N ARG A 203 -15.91 10.73 20.88
CA ARG A 203 -14.88 11.55 20.25
C ARG A 203 -14.32 10.89 18.98
N ASP A 204 -14.04 9.60 19.06
CA ASP A 204 -13.46 8.89 17.92
C ASP A 204 -14.42 8.82 16.75
N PHE A 205 -15.65 8.36 17.00
CA PHE A 205 -16.62 8.22 15.92
C PHE A 205 -16.97 9.59 15.31
N GLU A 206 -16.98 10.64 16.13
CA GLU A 206 -17.21 11.99 15.57
C GLU A 206 -16.07 12.43 14.63
N GLY A 207 -14.84 12.12 15.03
CA GLY A 207 -13.67 12.38 14.20
C GLY A 207 -13.70 11.59 12.89
N PHE A 208 -14.15 10.34 12.97
CA PHE A 208 -14.32 9.53 11.77
C PHE A 208 -15.33 10.19 10.82
N LEU A 209 -16.51 10.52 11.33
CA LEU A 209 -17.58 11.14 10.52
C LEU A 209 -17.18 12.48 9.91
N LYS A 210 -16.48 13.29 10.72
CA LYS A 210 -15.96 14.57 10.27
C LYS A 210 -15.02 14.40 9.06
N ALA A 211 -14.08 13.46 9.17
CA ALA A 211 -13.15 13.20 8.08
C ALA A 211 -13.89 12.66 6.84
N ARG A 212 -14.78 11.70 7.04
CA ARG A 212 -15.52 11.11 5.93
C ARG A 212 -16.43 12.11 5.25
N ALA A 213 -17.08 12.98 6.03
CA ALA A 213 -17.95 14.00 5.43
C ALA A 213 -17.16 14.86 4.46
N GLN A 214 -15.88 15.10 4.75
CA GLN A 214 -15.07 15.91 3.83
C GLN A 214 -14.70 15.12 2.56
N GLU A 215 -14.46 13.81 2.75
CA GLU A 215 -13.93 12.97 1.68
C GLU A 215 -15.00 12.38 0.76
N ILE A 216 -16.20 12.17 1.30
CA ILE A 216 -17.29 11.58 0.53
C ILE A 216 -18.10 12.65 -0.21
N VAL A 217 -18.41 12.40 -1.48
CA VAL A 217 -19.17 13.35 -2.29
C VAL A 217 -20.60 13.47 -1.77
N VAL A 218 -21.23 14.61 -2.06
CA VAL A 218 -22.65 14.77 -1.77
C VAL A 218 -23.48 13.69 -2.46
N GLY A 219 -24.36 13.02 -1.72
CA GLY A 219 -25.07 11.88 -2.27
C GLY A 219 -24.29 10.56 -2.17
N GLY A 220 -23.02 10.62 -1.82
CA GLY A 220 -22.21 9.42 -1.68
C GLY A 220 -22.73 8.60 -0.51
N LEU A 221 -22.55 7.28 -0.56
CA LEU A 221 -23.05 6.39 0.49
C LEU A 221 -21.93 5.86 1.37
N MET A 222 -22.25 5.56 2.63
CA MET A 222 -21.31 4.87 3.49
C MET A 222 -22.02 3.75 4.24
N VAL A 223 -21.46 2.54 4.15
CA VAL A 223 -22.02 1.41 4.88
C VAL A 223 -21.08 1.00 6.00
N ILE A 224 -21.65 0.91 7.20
CA ILE A 224 -20.91 0.58 8.41
C ILE A 224 -21.51 -0.68 9.02
N GLN A 225 -20.64 -1.62 9.36
CA GLN A 225 -21.02 -2.80 10.12
C GLN A 225 -20.14 -2.81 11.36
N ILE A 226 -20.75 -2.91 12.53
CA ILE A 226 -20.00 -2.76 13.76
C ILE A 226 -20.56 -3.69 14.86
N PRO A 227 -19.67 -4.35 15.62
CA PRO A 227 -20.11 -5.10 16.81
C PRO A 227 -20.71 -4.12 17.79
N GLY A 228 -21.93 -4.36 18.25
CA GLY A 228 -22.60 -3.40 19.12
C GLY A 228 -23.40 -4.01 20.26
N LEU A 229 -24.37 -3.26 20.76
CA LEU A 229 -25.31 -3.79 21.74
C LEU A 229 -26.62 -4.08 21.04
N PRO A 230 -27.14 -5.31 21.20
CA PRO A 230 -28.47 -5.62 20.67
C PRO A 230 -29.51 -4.65 21.25
N SER A 231 -30.60 -4.42 20.53
CA SER A 231 -31.54 -3.42 21.01
C SER A 231 -32.18 -3.81 22.32
N GLY A 232 -32.27 -2.85 23.23
CA GLY A 232 -32.87 -3.05 24.54
C GLY A 232 -31.86 -3.54 25.56
N GLU A 233 -30.82 -4.22 25.08
CA GLU A 233 -29.78 -4.75 25.95
C GLU A 233 -28.93 -3.63 26.52
N VAL A 234 -28.74 -3.64 27.83
CA VAL A 234 -27.93 -2.62 28.48
C VAL A 234 -26.56 -3.18 28.90
N LEU A 235 -26.47 -4.49 29.10
CA LEU A 235 -25.22 -5.09 29.55
C LEU A 235 -24.43 -5.70 28.41
N PHE A 236 -23.31 -5.06 28.09
CA PHE A 236 -22.36 -5.59 27.13
C PHE A 236 -21.96 -7.04 27.46
N SER A 237 -21.92 -7.39 28.75
CA SER A 237 -21.52 -8.74 29.14
C SER A 237 -22.48 -9.83 28.68
N ARG A 238 -23.68 -9.45 28.25
CA ARG A 238 -24.65 -10.43 27.78
C ARG A 238 -24.58 -10.61 26.27
N THR A 239 -23.62 -9.94 25.63
CA THR A 239 -23.33 -10.24 24.25
C THR A 239 -22.18 -11.25 24.21
N GLY A 240 -21.93 -11.78 23.01
CA GLY A 240 -20.86 -12.73 22.81
C GLY A 240 -19.49 -12.10 22.95
N ALA A 241 -19.31 -10.90 22.40
CA ALA A 241 -18.03 -10.22 22.54
C ALA A 241 -17.79 -9.89 24.01
N GLY A 242 -18.85 -9.48 24.69
CA GLY A 242 -18.76 -9.06 26.07
C GLY A 242 -18.34 -10.17 27.02
N LEU A 243 -18.88 -11.37 26.82
CA LEU A 243 -18.56 -12.49 27.69
C LEU A 243 -17.15 -13.00 27.39
N LEU A 244 -16.80 -13.01 26.10
CA LEU A 244 -15.45 -13.40 25.69
C LEU A 244 -14.41 -12.51 26.35
N HIS A 245 -14.67 -11.20 26.35
CA HIS A 245 -13.76 -10.26 26.98
C HIS A 245 -13.67 -10.49 28.49
N PHE A 246 -14.82 -10.71 29.11
CA PHE A 246 -14.86 -10.94 30.55
C PHE A 246 -14.05 -12.17 30.94
N LEU A 247 -14.15 -13.20 30.10
CA LEU A 247 -13.46 -14.46 30.37
C LEU A 247 -11.97 -14.32 30.09
N LEU A 248 -11.62 -13.44 29.17
CA LEU A 248 -10.22 -13.17 28.88
C LEU A 248 -9.58 -12.55 30.13
N GLY A 249 -10.28 -11.61 30.75
CA GLY A 249 -9.85 -11.04 32.01
C GLY A 249 -9.71 -12.08 33.12
N THR A 250 -10.72 -12.92 33.30
CA THR A 250 -10.66 -13.94 34.34
C THR A 250 -9.57 -14.97 34.04
N SER A 251 -9.27 -15.19 32.77
CA SER A 251 -8.21 -16.11 32.38
C SER A 251 -6.83 -15.54 32.72
N LEU A 252 -6.68 -14.23 32.49
CA LEU A 252 -5.44 -13.54 32.84
C LEU A 252 -5.20 -13.54 34.34
N MET A 253 -6.27 -13.36 35.11
CA MET A 253 -6.18 -13.34 36.56
C MET A 253 -5.80 -14.71 37.12
N GLU A 254 -6.08 -15.77 36.37
CA GLU A 254 -5.64 -17.10 36.77
C GLU A 254 -4.14 -17.26 36.55
N LEU A 255 -3.61 -16.66 35.49
CA LEU A 255 -2.19 -16.60 35.28
C LEU A 255 -1.53 -15.76 36.38
N VAL A 256 -2.28 -14.82 36.93
CA VAL A 256 -1.80 -14.01 38.05
C VAL A 256 -1.69 -14.86 39.31
N ASN A 257 -2.78 -15.53 39.66
CA ASN A 257 -2.84 -16.30 40.90
C ASN A 257 -1.87 -17.48 40.90
N LYS A 258 -1.44 -17.90 39.72
CA LYS A 258 -0.39 -18.89 39.59
C LYS A 258 1.00 -18.24 39.74
N GLY A 259 1.06 -16.92 39.54
CA GLY A 259 2.31 -16.19 39.69
C GLY A 259 3.03 -15.91 38.39
N ILE A 260 2.49 -16.42 37.29
CA ILE A 260 3.12 -16.30 35.98
C ILE A 260 3.16 -14.84 35.49
N ILE A 261 2.19 -14.04 35.93
CA ILE A 261 2.25 -12.60 35.72
C ILE A 261 1.84 -11.93 37.02
N ASN A 262 2.18 -10.66 37.19
CA ASN A 262 1.74 -9.97 38.39
C ASN A 262 0.40 -9.27 38.19
N GLU A 263 -0.24 -8.97 39.30
CA GLU A 263 -1.56 -8.36 39.29
C GLU A 263 -1.56 -6.95 38.66
N GLU A 264 -0.42 -6.28 38.68
CA GLU A 264 -0.32 -4.95 38.10
C GLU A 264 -0.42 -5.00 36.59
N SER A 265 0.11 -6.07 36.00
CA SER A 265 0.09 -6.21 34.55
C SER A 265 -1.35 -6.26 34.01
N VAL A 266 -2.25 -6.84 34.80
CA VAL A 266 -3.65 -6.96 34.41
C VAL A 266 -4.42 -5.68 34.72
N ASP A 267 -4.17 -5.11 35.89
CA ASP A 267 -4.81 -3.84 36.25
C ASP A 267 -4.53 -2.76 35.20
N SER A 268 -3.29 -2.73 34.71
CA SER A 268 -2.87 -1.72 33.75
C SER A 268 -3.27 -2.04 32.31
N PHE A 269 -3.84 -3.23 32.09
CA PHE A 269 -4.23 -3.65 30.74
C PHE A 269 -5.73 -3.44 30.51
N ASN A 270 -6.07 -2.85 29.37
CA ASN A 270 -7.47 -2.60 29.01
C ASN A 270 -7.63 -2.67 27.50
N LEU A 271 -8.76 -3.20 27.06
CA LEU A 271 -9.06 -3.23 25.62
C LEU A 271 -9.58 -1.87 25.14
N PRO A 272 -9.00 -1.36 24.05
CA PRO A 272 -9.43 -0.09 23.44
C PRO A 272 -10.63 -0.31 22.51
N GLN A 273 -11.76 -0.71 23.06
CA GLN A 273 -12.97 -0.95 22.27
C GLN A 273 -14.23 -0.41 22.97
N TYR A 274 -15.21 -0.02 22.17
CA TYR A 274 -16.55 0.25 22.70
C TYR A 274 -17.53 -0.31 21.69
N HIS A 275 -18.54 -0.99 22.20
CA HIS A 275 -19.54 -1.63 21.36
C HIS A 275 -20.85 -0.89 21.54
N PRO A 276 -21.16 0.03 20.62
CA PRO A 276 -22.27 0.98 20.84
C PRO A 276 -23.64 0.38 20.57
N SER A 277 -24.65 0.92 21.25
CA SER A 277 -26.04 0.65 20.88
C SER A 277 -26.37 1.41 19.59
N VAL A 278 -27.45 1.02 18.93
CA VAL A 278 -27.97 1.79 17.79
C VAL A 278 -28.24 3.24 18.19
N GLU A 279 -28.79 3.43 19.39
CA GLU A 279 -29.08 4.75 19.89
CA GLU A 279 -29.07 4.76 19.88
C GLU A 279 -27.79 5.59 20.06
N ASP A 280 -26.71 4.94 20.52
CA ASP A 280 -25.40 5.59 20.63
C ASP A 280 -24.92 6.14 19.27
N LEU A 281 -25.02 5.30 18.26
CA LEU A 281 -24.56 5.64 16.91
C LEU A 281 -25.40 6.77 16.35
N GLU A 282 -26.71 6.60 16.44
CA GLU A 282 -27.64 7.62 15.97
C GLU A 282 -27.37 8.99 16.60
N MET A 283 -27.07 9.00 17.89
CA MET A 283 -26.79 10.25 18.60
CA MET A 283 -26.79 10.25 18.60
C MET A 283 -25.61 11.00 17.98
N VAL A 284 -24.49 10.30 17.81
CA VAL A 284 -23.28 10.91 17.26
C VAL A 284 -23.50 11.37 15.82
N ILE A 285 -24.19 10.55 15.05
CA ILE A 285 -24.47 10.88 13.64
C ILE A 285 -25.36 12.12 13.54
N GLU A 286 -26.42 12.14 14.32
CA GLU A 286 -27.34 13.28 14.27
C GLU A 286 -26.65 14.56 14.71
N MET A 287 -25.81 14.49 15.73
CA MET A 287 -25.10 15.68 16.18
CA MET A 287 -25.06 15.65 16.22
C MET A 287 -24.07 16.13 15.16
N ASN A 288 -23.36 15.19 14.55
CA ASN A 288 -22.43 15.53 13.47
C ASN A 288 -23.11 16.27 12.33
N ASP A 289 -24.30 15.80 11.96
CA ASP A 289 -25.20 16.48 11.03
C ASP A 289 -24.71 16.54 9.58
N CYS A 290 -23.77 15.69 9.18
CA CYS A 290 -23.31 15.69 7.77
C CYS A 290 -23.86 14.54 6.94
N PHE A 291 -24.37 13.51 7.62
CA PHE A 291 -24.96 12.35 6.95
C PHE A 291 -26.41 12.14 7.34
N THR A 292 -27.25 11.73 6.40
CA THR A 292 -28.58 11.22 6.74
C THR A 292 -28.49 9.72 7.00
N ILE A 293 -29.21 9.25 8.01
CA ILE A 293 -29.29 7.82 8.23
C ILE A 293 -30.37 7.29 7.31
N GLU A 294 -29.97 6.43 6.36
CA GLU A 294 -30.92 5.83 5.44
C GLU A 294 -31.49 4.53 6.01
N ARG A 295 -30.71 3.83 6.82
CA ARG A 295 -31.20 2.63 7.49
C ARG A 295 -30.25 2.23 8.59
N VAL A 296 -30.83 1.69 9.65
CA VAL A 296 -30.08 1.01 10.67
C VAL A 296 -30.73 -0.37 10.88
N GLY A 297 -29.95 -1.36 11.31
CA GLY A 297 -30.50 -2.68 11.57
C GLY A 297 -29.46 -3.61 12.13
N THR A 298 -29.79 -4.90 12.16
CA THR A 298 -28.85 -5.92 12.62
C THR A 298 -28.61 -6.95 11.53
N LEU A 299 -27.45 -7.57 11.56
CA LEU A 299 -27.13 -8.58 10.56
C LEU A 299 -27.39 -9.97 11.13
N PRO A 300 -28.29 -10.73 10.47
CA PRO A 300 -28.48 -12.12 10.91
C PRO A 300 -27.21 -12.85 10.53
N HIS A 301 -26.44 -13.38 11.46
CA HIS A 301 -25.21 -14.00 11.01
C HIS A 301 -25.42 -15.46 10.61
N PRO A 302 -24.83 -15.87 9.47
CA PRO A 302 -25.02 -17.15 8.79
C PRO A 302 -24.75 -18.39 9.64
N MET A 303 -23.82 -18.29 10.59
CA MET A 303 -23.46 -19.42 11.42
C MET A 303 -24.23 -19.45 12.72
N LYS A 304 -25.44 -18.91 12.68
CA LYS A 304 -26.21 -18.68 13.91
C LYS A 304 -26.77 -19.93 14.57
N ASN A 305 -27.12 -20.94 13.77
CA ASN A 305 -27.77 -22.14 14.36
C ASN A 305 -26.84 -23.34 14.40
N LEU A 306 -25.55 -23.09 14.13
CA LEU A 306 -24.48 -24.04 14.42
C LEU A 306 -24.21 -24.06 15.92
N PRO A 307 -23.68 -25.18 16.42
CA PRO A 307 -23.32 -25.21 17.85
C PRO A 307 -22.07 -24.39 18.13
N PHE A 308 -21.98 -23.83 19.34
CA PHE A 308 -20.82 -23.03 19.73
C PHE A 308 -19.54 -23.84 19.61
N ASP A 309 -18.58 -23.32 18.85
CA ASP A 309 -17.32 -23.98 18.59
C ASP A 309 -16.26 -23.46 19.56
N VAL A 310 -16.10 -24.15 20.69
CA VAL A 310 -15.17 -23.74 21.75
C VAL A 310 -13.76 -23.51 21.24
N GLN A 311 -13.23 -24.48 20.51
CA GLN A 311 -11.85 -24.43 20.04
C GLN A 311 -11.60 -23.29 19.07
N ARG A 312 -12.47 -23.17 18.08
CA ARG A 312 -12.25 -22.21 17.00
C ARG A 312 -12.46 -20.76 17.46
N THR A 313 -13.37 -20.56 18.40
CA THR A 313 -13.58 -19.25 18.97
C THR A 313 -12.34 -18.79 19.73
N SER A 314 -11.72 -19.72 20.44
CA SER A 314 -10.52 -19.41 21.21
C SER A 314 -9.39 -18.99 20.27
N LEU A 315 -9.34 -19.58 19.08
CA LEU A 315 -8.37 -19.22 18.06
C LEU A 315 -8.65 -17.88 17.39
N GLN A 316 -9.93 -17.59 17.16
CA GLN A 316 -10.31 -16.32 16.54
C GLN A 316 -9.95 -15.17 17.47
N VAL A 317 -10.17 -15.37 18.77
CA VAL A 317 -9.85 -14.35 19.76
C VAL A 317 -8.34 -14.11 19.79
N ARG A 318 -7.57 -15.19 19.78
CA ARG A 318 -6.12 -15.06 19.83
C ARG A 318 -5.57 -14.31 18.64
N ALA A 319 -6.10 -14.62 17.46
CA ALA A 319 -5.66 -13.97 16.23
C ALA A 319 -6.01 -12.48 16.22
N ILE A 320 -6.98 -12.10 17.06
CA ILE A 320 -7.37 -10.69 17.15
C ILE A 320 -6.51 -9.98 18.18
N MET A 321 -6.29 -10.64 19.31
CA MET A 321 -5.68 -10.02 20.47
C MET A 321 -4.18 -10.26 20.60
N GLU A 322 -3.58 -11.03 19.69
CA GLU A 322 -2.19 -11.48 19.86
C GLU A 322 -1.20 -10.33 20.03
N CYS A 323 -1.22 -9.39 19.08
CA CYS A 323 -0.36 -8.22 19.10
C CYS A 323 -0.49 -7.41 20.39
N ILE A 324 -1.72 -7.01 20.72
CA ILE A 324 -1.93 -6.15 21.88
C ILE A 324 -1.58 -6.90 23.17
N LEU A 325 -1.82 -8.21 23.20
CA LEU A 325 -1.47 -9.00 24.36
C LEU A 325 0.04 -9.16 24.47
N THR A 326 0.69 -9.42 23.33
CA THR A 326 2.14 -9.58 23.32
C THR A 326 2.82 -8.30 23.74
N GLU A 327 2.47 -7.20 23.06
CA GLU A 327 3.04 -5.90 23.33
C GLU A 327 2.95 -5.50 24.82
N HIS A 328 1.91 -5.97 25.53
CA HIS A 328 1.75 -5.65 26.95
C HIS A 328 2.31 -6.72 27.89
N PHE A 329 2.10 -7.98 27.56
CA PHE A 329 2.49 -9.07 28.46
C PHE A 329 3.72 -9.85 27.97
N GLY A 330 3.97 -9.84 26.67
CA GLY A 330 5.07 -10.60 26.12
C GLY A 330 4.65 -11.94 25.54
N GLU A 331 5.32 -12.32 24.45
CA GLU A 331 5.10 -13.58 23.73
C GLU A 331 4.73 -14.79 24.61
N ASN A 332 5.45 -14.92 25.72
CA ASN A 332 5.42 -16.14 26.50
C ASN A 332 4.17 -16.33 27.34
N ILE A 333 3.21 -15.42 27.19
CA ILE A 333 1.97 -15.50 27.93
C ILE A 333 0.88 -16.20 27.12
N LEU A 334 0.99 -16.14 25.80
CA LEU A 334 -0.09 -16.55 24.91
C LEU A 334 -0.52 -18.00 25.07
N ASP A 335 0.38 -18.93 24.75
CA ASP A 335 0.07 -20.36 24.83
C ASP A 335 -0.55 -20.79 26.17
N PRO A 336 0.04 -20.36 27.31
CA PRO A 336 -0.67 -20.75 28.54
C PRO A 336 -1.93 -19.91 28.82
N LEU A 337 -2.01 -18.70 28.28
CA LEU A 337 -3.20 -17.87 28.52
C LEU A 337 -4.43 -18.53 27.90
N PHE A 338 -4.29 -18.96 26.66
CA PHE A 338 -5.42 -19.43 25.88
C PHE A 338 -5.79 -20.89 26.15
N GLU A 339 -4.95 -21.60 26.88
CA GLU A 339 -5.32 -22.94 27.31
C GLU A 339 -6.21 -22.79 28.52
N ILE A 340 -5.96 -21.74 29.31
CA ILE A 340 -6.87 -21.40 30.40
C ILE A 340 -8.19 -20.84 29.83
N TYR A 341 -8.07 -20.02 28.80
CA TYR A 341 -9.21 -19.39 28.14
C TYR A 341 -10.17 -20.45 27.61
N THR A 342 -9.66 -21.35 26.80
CA THR A 342 -10.43 -22.47 26.24
C THR A 342 -11.18 -23.22 27.33
N LYS A 343 -10.51 -23.43 28.46
CA LYS A 343 -11.11 -24.09 29.60
C LYS A 343 -12.32 -23.30 30.14
N ASN A 344 -12.17 -21.99 30.21
CA ASN A 344 -13.24 -21.14 30.73
C ASN A 344 -14.43 -21.05 29.76
N LEU A 345 -14.13 -21.15 28.47
CA LEU A 345 -15.15 -21.17 27.44
C LEU A 345 -15.98 -22.44 27.57
N GLN A 346 -15.31 -23.56 27.85
CA GLN A 346 -15.99 -24.85 28.00
C GLN A 346 -16.91 -24.85 29.21
N GLU A 347 -16.46 -24.31 30.32
CA GLU A 347 -17.32 -24.22 31.50
C GLU A 347 -18.50 -23.30 31.24
N ASN A 348 -18.41 -22.48 30.22
CA ASN A 348 -19.48 -21.54 29.89
C ASN A 348 -20.16 -21.89 28.57
N PHE A 349 -19.96 -23.13 28.11
CA PHE A 349 -20.46 -23.57 26.81
C PHE A 349 -21.96 -23.31 26.63
N HIS A 350 -22.74 -23.55 27.67
CA HIS A 350 -24.18 -23.40 27.61
C HIS A 350 -24.53 -21.96 27.23
N VAL A 351 -24.02 -21.02 28.04
CA VAL A 351 -24.24 -19.60 27.86
C VAL A 351 -23.96 -19.17 26.43
N PHE A 352 -22.79 -19.54 25.91
CA PHE A 352 -22.43 -19.16 24.54
C PHE A 352 -23.35 -19.82 23.52
N ASP A 353 -23.80 -21.01 23.83
CA ASP A 353 -24.50 -21.82 22.82
C ASP A 353 -26.00 -21.55 22.78
N LYS A 354 -26.56 -21.15 23.91
CA LYS A 354 -28.02 -21.06 24.05
C LYS A 354 -28.53 -19.83 24.82
N GLU A 355 -27.65 -19.09 25.49
CA GLU A 355 -28.13 -17.96 26.27
C GLU A 355 -27.75 -16.58 25.75
N ILE A 356 -26.57 -16.43 25.16
CA ILE A 356 -26.12 -15.11 24.76
C ILE A 356 -26.84 -14.65 23.49
N ARG A 357 -27.04 -13.33 23.41
CA ARG A 357 -27.69 -12.71 22.25
C ARG A 357 -26.86 -12.88 20.97
N LYS A 358 -27.47 -13.47 19.94
CA LYS A 358 -26.78 -13.71 18.68
C LYS A 358 -26.79 -12.49 17.76
N ASP A 359 -27.58 -11.49 18.10
CA ASP A 359 -27.89 -10.40 17.18
C ASP A 359 -27.21 -9.07 17.54
N ALA A 360 -25.88 -9.08 17.68
CA ALA A 360 -25.18 -7.88 18.13
C ALA A 360 -24.37 -7.22 17.00
N ASP A 361 -24.46 -7.77 15.80
CA ASP A 361 -23.83 -7.13 14.65
C ASP A 361 -24.76 -6.08 14.05
N LEU A 362 -24.41 -4.81 14.22
CA LEU A 362 -25.25 -3.71 13.71
C LEU A 362 -24.75 -3.21 12.36
N TYR A 363 -25.68 -2.72 11.54
CA TYR A 363 -25.27 -2.03 10.31
C TYR A 363 -26.01 -0.71 10.15
N LEU A 364 -25.36 0.21 9.44
CA LEU A 364 -25.91 1.53 9.14
C LEU A 364 -25.68 1.82 7.68
N VAL A 365 -26.65 2.44 7.02
CA VAL A 365 -26.44 2.97 5.67
C VAL A 365 -26.63 4.47 5.76
N LEU A 366 -25.58 5.23 5.43
CA LEU A 366 -25.55 6.69 5.52
C LEU A 366 -25.38 7.32 4.14
N LYS A 367 -25.92 8.51 3.97
CA LYS A 367 -25.78 9.26 2.72
C LYS A 367 -25.25 10.65 3.05
N ARG A 368 -24.22 11.11 2.34
CA ARG A 368 -23.68 12.43 2.66
C ARG A 368 -24.67 13.52 2.18
N LYS A 369 -25.04 14.42 3.09
CA LYS A 369 -26.03 15.47 2.79
C LYS A 369 -25.48 16.52 1.83
N GLY A 370 -26.38 17.16 1.10
CA GLY A 370 -26.04 18.34 0.32
C GLY A 370 -25.69 19.56 1.17
N ASN A 371 -24.92 20.47 0.57
CA ASN A 371 -24.44 21.64 1.29
C ASN A 371 -25.55 22.64 1.62
N LEU A 372 -26.69 22.52 0.96
CA LEU A 372 -27.82 23.40 1.29
C LEU A 372 -28.89 22.68 2.11
N GLU A 373 -28.55 21.49 2.62
CA GLU A 373 -29.47 20.72 3.44
C GLU A 373 -29.11 20.78 4.94
N HIS A 374 -29.24 21.97 5.53
CA HIS A 374 -28.99 22.15 6.98
C HIS A 374 -27.61 21.67 7.43
N ALA B 16 2.49 -13.39 -16.87
CA ALA B 16 3.29 -12.49 -17.68
C ALA B 16 4.45 -11.88 -16.89
N VAL B 17 4.13 -11.20 -15.80
CA VAL B 17 5.08 -10.31 -15.10
C VAL B 17 6.26 -11.02 -14.44
N GLU B 18 7.47 -10.64 -14.87
CA GLU B 18 8.72 -11.10 -14.26
C GLU B 18 9.28 -9.98 -13.41
N ALA B 19 8.88 -9.99 -12.14
CA ALA B 19 9.12 -8.91 -11.19
C ALA B 19 10.34 -9.17 -10.32
N HIS B 20 11.31 -8.24 -10.35
CA HIS B 20 12.51 -8.35 -9.53
C HIS B 20 12.71 -7.11 -8.66
N PRO B 21 11.96 -7.02 -7.55
CA PRO B 21 12.07 -5.83 -6.68
C PRO B 21 13.43 -5.77 -5.97
N MET B 22 13.71 -4.65 -5.31
CA MET B 22 14.94 -4.46 -4.59
C MET B 22 14.81 -5.10 -3.21
N LYS B 23 15.94 -5.27 -2.52
CA LYS B 23 15.92 -5.92 -1.20
C LYS B 23 15.07 -5.13 -0.22
N GLY B 24 14.07 -5.79 0.37
CA GLY B 24 13.13 -5.14 1.27
C GLY B 24 13.69 -4.96 2.67
N GLY B 25 12.82 -4.61 3.62
CA GLY B 25 13.26 -4.36 4.99
C GLY B 25 13.92 -3.00 5.09
N ASP B 26 14.41 -2.66 6.29
CA ASP B 26 15.10 -1.37 6.46
C ASP B 26 16.43 -1.51 7.21
N ASP B 27 17.01 -2.70 7.21
CA ASP B 27 18.29 -2.89 7.89
C ASP B 27 19.47 -2.53 6.99
N SER B 28 20.68 -2.82 7.47
CA SER B 28 21.92 -2.40 6.81
C SER B 28 22.14 -2.98 5.40
N HIS B 29 21.42 -4.06 5.07
CA HIS B 29 21.51 -4.72 3.77
C HIS B 29 20.39 -4.33 2.79
N SER B 30 19.39 -3.62 3.29
CA SER B 30 18.22 -3.29 2.49
C SER B 30 18.50 -2.24 1.40
N TYR B 31 17.62 -2.16 0.41
CA TYR B 31 17.70 -1.07 -0.57
C TYR B 31 17.62 0.28 0.13
N SER B 32 16.79 0.39 1.17
CA SER B 32 16.56 1.70 1.79
C SER B 32 17.86 2.25 2.38
N GLN B 33 18.75 1.37 2.85
CA GLN B 33 20.03 1.82 3.41
C GLN B 33 21.20 1.75 2.41
N ASN B 34 20.92 1.35 1.17
CA ASN B 34 21.97 1.18 0.16
C ASN B 34 21.59 1.71 -1.20
N SER B 35 20.96 2.89 -1.22
CA SER B 35 20.50 3.46 -2.47
C SER B 35 20.86 4.94 -2.54
N CYS B 36 22.03 5.27 -1.98
CA CYS B 36 22.52 6.65 -1.98
C CYS B 36 22.81 7.21 -3.36
N TYR B 37 23.29 6.36 -4.27
CA TYR B 37 23.60 6.84 -5.62
C TYR B 37 22.32 7.31 -6.31
N GLN B 38 21.28 6.50 -6.17
CA GLN B 38 19.97 6.77 -6.74
C GLN B 38 19.38 8.03 -6.11
N LYS B 39 19.76 8.30 -4.86
CA LYS B 39 19.30 9.53 -4.20
C LYS B 39 19.98 10.76 -4.82
N GLY B 40 21.29 10.65 -5.06
CA GLY B 40 22.02 11.70 -5.75
C GLY B 40 21.40 12.09 -7.07
N VAL B 41 20.91 11.10 -7.81
CA VAL B 41 20.26 11.36 -9.10
C VAL B 41 19.04 12.26 -8.90
N ILE B 42 18.22 11.92 -7.92
CA ILE B 42 17.04 12.71 -7.63
C ILE B 42 17.42 14.12 -7.16
N ASP B 43 18.43 14.21 -6.29
CA ASP B 43 18.94 15.51 -5.84
C ASP B 43 19.37 16.38 -7.00
N ALA B 44 20.04 15.77 -7.98
CA ALA B 44 20.48 16.52 -9.15
C ALA B 44 19.32 16.94 -10.03
N ALA B 45 18.28 16.11 -10.06
CA ALA B 45 17.14 16.37 -10.93
C ALA B 45 16.17 17.42 -10.34
N LYS B 46 16.39 17.82 -9.09
CA LYS B 46 15.47 18.78 -8.47
C LYS B 46 15.37 20.06 -9.29
N ALA B 47 16.52 20.55 -9.75
CA ALA B 47 16.56 21.74 -10.60
C ALA B 47 15.74 21.56 -11.87
N VAL B 48 15.81 20.36 -12.45
CA VAL B 48 15.07 20.06 -13.67
C VAL B 48 13.56 20.14 -13.43
N ILE B 49 13.12 19.59 -12.31
CA ILE B 49 11.73 19.63 -11.91
C ILE B 49 11.24 21.05 -11.70
N VAL B 50 12.00 21.84 -10.95
CA VAL B 50 11.62 23.23 -10.70
C VAL B 50 11.48 24.00 -12.01
N GLU B 51 12.45 23.84 -12.91
CA GLU B 51 12.43 24.57 -14.17
C GLU B 51 11.25 24.09 -15.02
N ALA B 52 11.04 22.78 -15.04
CA ALA B 52 9.93 22.18 -15.77
C ALA B 52 8.56 22.70 -15.30
N VAL B 53 8.37 22.76 -13.99
CA VAL B 53 7.14 23.29 -13.41
C VAL B 53 6.96 24.75 -13.81
N ASN B 54 7.99 25.54 -13.55
CA ASN B 54 7.92 26.97 -13.82
C ASN B 54 7.68 27.34 -15.27
N GLU B 55 8.26 26.58 -16.21
CA GLU B 55 8.16 26.96 -17.62
C GLU B 55 7.14 26.18 -18.46
N LYS B 56 6.79 24.96 -18.02
CA LYS B 56 6.02 24.06 -18.87
C LYS B 56 4.70 23.55 -18.28
N LEU B 57 4.50 23.72 -16.98
CA LEU B 57 3.25 23.26 -16.36
C LEU B 57 2.25 24.42 -16.40
N ASP B 58 1.29 24.32 -17.32
CA ASP B 58 0.40 25.44 -17.63
C ASP B 58 -0.81 25.49 -16.70
N LEU B 59 -0.56 25.88 -15.47
CA LEU B 59 -1.59 25.96 -14.43
C LEU B 59 -2.58 27.12 -14.62
N GLU B 60 -2.05 28.31 -14.93
CA GLU B 60 -2.85 29.54 -14.93
C GLU B 60 -4.07 29.47 -15.86
N ASN B 61 -5.25 29.64 -15.25
CA ASN B 61 -6.53 29.61 -15.94
C ASN B 61 -6.73 28.43 -16.88
N ASN B 62 -6.19 27.28 -16.47
CA ASN B 62 -6.37 26.04 -17.20
C ASN B 62 -7.35 25.15 -16.45
N PRO B 63 -8.51 24.86 -17.07
CA PRO B 63 -9.52 24.01 -16.41
C PRO B 63 -9.01 22.60 -16.13
N ILE B 64 -7.98 22.15 -16.84
CA ILE B 64 -7.47 20.80 -16.65
C ILE B 64 -6.80 20.68 -15.27
N PHE B 65 -6.25 21.78 -14.78
CA PHE B 65 -5.55 21.78 -13.50
C PHE B 65 -6.35 22.54 -12.45
N ASP B 66 -7.68 22.51 -12.61
CA ASP B 66 -8.64 23.08 -11.66
C ASP B 66 -8.32 22.67 -10.22
N PRO B 67 -7.84 23.62 -9.40
CA PRO B 67 -7.43 23.34 -8.03
C PRO B 67 -8.60 23.04 -7.07
N ILE B 68 -9.82 22.96 -7.61
CA ILE B 68 -10.97 22.44 -6.87
C ILE B 68 -10.77 20.93 -6.72
N LYS B 69 -10.05 20.35 -7.68
CA LYS B 69 -9.67 18.94 -7.66
C LYS B 69 -8.23 18.79 -7.15
N PRO B 70 -7.88 17.61 -6.62
CA PRO B 70 -6.48 17.49 -6.17
C PRO B 70 -5.51 17.50 -7.34
N PHE B 71 -4.26 17.86 -7.06
CA PHE B 71 -3.17 17.68 -8.01
C PHE B 71 -2.53 16.30 -7.78
N ARG B 72 -2.65 15.41 -8.77
CA ARG B 72 -2.27 14.02 -8.57
C ARG B 72 -0.90 13.74 -9.18
N ILE B 73 -0.02 13.16 -8.37
CA ILE B 73 1.35 12.85 -8.74
C ILE B 73 1.59 11.34 -8.58
N ALA B 74 2.26 10.72 -9.56
CA ALA B 74 2.61 9.30 -9.47
C ALA B 74 4.12 9.09 -9.64
N ASP B 75 4.68 8.23 -8.79
CA ASP B 75 6.05 7.79 -8.92
C ASP B 75 6.06 6.33 -9.36
N PHE B 76 6.61 6.08 -10.54
CA PHE B 76 6.63 4.75 -11.13
C PHE B 76 7.96 4.04 -10.83
N GLY B 77 7.89 2.91 -10.13
CA GLY B 77 9.05 2.20 -9.62
C GLY B 77 9.69 2.88 -8.42
N CYS B 78 8.87 3.12 -7.39
CA CYS B 78 9.26 3.90 -6.22
C CYS B 78 10.19 3.16 -5.25
N SER B 79 10.16 1.83 -5.31
CA SER B 79 10.80 0.94 -4.32
C SER B 79 10.34 1.26 -2.88
N THR B 80 11.30 1.31 -1.96
CA THR B 80 10.92 1.25 -0.53
C THR B 80 11.20 2.51 0.28
N GLY B 81 11.62 3.58 -0.38
CA GLY B 81 12.05 4.77 0.34
C GLY B 81 13.51 4.65 0.74
N PRO B 82 14.14 5.78 1.09
CA PRO B 82 13.56 7.12 1.21
C PRO B 82 13.59 7.94 -0.08
N ASN B 83 14.27 7.44 -1.12
CA ASN B 83 14.46 8.23 -2.34
C ASN B 83 13.12 8.71 -2.95
N THR B 84 12.11 7.86 -2.94
CA THR B 84 10.85 8.27 -3.56
C THR B 84 10.23 9.45 -2.78
N PHE B 85 10.44 9.51 -1.47
CA PHE B 85 9.88 10.63 -0.68
C PHE B 85 10.55 11.94 -1.07
N HIS B 86 11.86 11.90 -1.29
CA HIS B 86 12.60 13.09 -1.67
C HIS B 86 12.11 13.61 -3.01
N ALA B 87 11.90 12.71 -3.96
CA ALA B 87 11.43 13.11 -5.27
C ALA B 87 10.00 13.68 -5.19
N MET B 88 9.13 13.05 -4.41
CA MET B 88 7.75 13.49 -4.34
C MET B 88 7.65 14.83 -3.60
N GLN B 89 8.45 15.02 -2.55
CA GLN B 89 8.51 16.30 -1.86
CA GLN B 89 8.50 16.30 -1.86
C GLN B 89 8.95 17.40 -2.82
N ASN B 90 9.93 17.11 -3.68
CA ASN B 90 10.41 18.10 -4.65
C ASN B 90 9.32 18.52 -5.63
N ILE B 91 8.52 17.56 -6.09
CA ILE B 91 7.45 17.87 -7.04
C ILE B 91 6.31 18.64 -6.37
N VAL B 92 5.93 18.19 -5.18
CA VAL B 92 4.85 18.86 -4.45
C VAL B 92 5.22 20.31 -4.14
N GLU B 93 6.42 20.52 -3.62
CA GLU B 93 6.87 21.87 -3.26
C GLU B 93 6.90 22.83 -4.45
N SER B 94 7.36 22.35 -5.60
CA SER B 94 7.45 23.21 -6.77
C SER B 94 6.08 23.53 -7.34
N VAL B 95 5.19 22.55 -7.35
CA VAL B 95 3.86 22.76 -7.90
C VAL B 95 3.04 23.64 -6.96
N GLU B 96 3.22 23.42 -5.67
CA GLU B 96 2.56 24.20 -4.63
C GLU B 96 2.99 25.67 -4.74
N THR B 97 4.30 25.89 -4.82
CA THR B 97 4.84 27.22 -5.03
C THR B 97 4.19 27.94 -6.21
N LYS B 98 4.12 27.28 -7.36
CA LYS B 98 3.55 27.90 -8.54
C LYS B 98 2.07 28.23 -8.37
N TYR B 99 1.32 27.33 -7.73
CA TYR B 99 -0.09 27.59 -7.45
C TYR B 99 -0.30 28.79 -6.53
N LYS B 100 0.59 28.95 -5.56
CA LYS B 100 0.54 30.08 -4.64
C LYS B 100 0.64 31.41 -5.37
N SER B 101 1.52 31.47 -6.38
CA SER B 101 1.67 32.65 -7.21
C SER B 101 0.39 32.98 -7.97
N LEU B 102 -0.55 32.05 -7.99
CA LEU B 102 -1.87 32.28 -8.56
C LEU B 102 -2.94 32.33 -7.47
N GLN B 103 -2.51 32.43 -6.22
CA GLN B 103 -3.41 32.46 -5.07
C GLN B 103 -4.36 31.25 -5.04
N LYS B 104 -3.81 30.07 -5.34
CA LYS B 104 -4.57 28.83 -5.23
C LYS B 104 -3.87 27.92 -4.23
N THR B 105 -4.62 27.00 -3.65
CA THR B 105 -4.08 26.12 -2.64
C THR B 105 -4.73 24.73 -2.71
N PRO B 106 -4.39 23.98 -3.77
CA PRO B 106 -4.98 22.65 -4.01
C PRO B 106 -4.48 21.59 -3.04
N GLU B 107 -5.23 20.51 -2.90
CA GLU B 107 -4.72 19.36 -2.16
C GLU B 107 -3.87 18.51 -3.12
N PHE B 108 -2.95 17.72 -2.57
CA PHE B 108 -2.12 16.83 -3.37
C PHE B 108 -2.37 15.35 -3.07
N HIS B 109 -2.45 14.55 -4.12
CA HIS B 109 -2.60 13.11 -3.95
C HIS B 109 -1.41 12.43 -4.63
N VAL B 110 -0.56 11.80 -3.84
CA VAL B 110 0.66 11.20 -4.33
C VAL B 110 0.56 9.68 -4.32
N PHE B 111 0.77 9.08 -5.50
CA PHE B 111 0.69 7.64 -5.67
C PHE B 111 2.08 7.01 -5.84
N PHE B 112 2.33 5.95 -5.07
CA PHE B 112 3.61 5.25 -5.14
C PHE B 112 3.44 3.90 -5.82
N ASN B 113 3.95 3.78 -7.05
CA ASN B 113 3.80 2.53 -7.79
C ASN B 113 5.08 1.69 -7.83
N ASP B 114 4.94 0.38 -7.63
CA ASP B 114 6.02 -0.57 -7.87
C ASP B 114 5.39 -1.93 -8.12
N HIS B 115 6.23 -2.94 -8.34
CA HIS B 115 5.77 -4.32 -8.43
C HIS B 115 4.96 -4.76 -7.21
N VAL B 116 4.06 -5.71 -7.43
CA VAL B 116 3.27 -6.30 -6.36
C VAL B 116 4.12 -6.79 -5.19
N ASN B 117 5.31 -7.32 -5.49
CA ASN B 117 6.14 -7.91 -4.43
CA ASN B 117 6.17 -7.91 -4.47
C ASN B 117 7.14 -6.92 -3.83
N ASN B 118 7.07 -5.66 -4.25
CA ASN B 118 7.81 -4.60 -3.56
C ASN B 118 7.44 -4.61 -2.06
N ASP B 119 8.34 -4.13 -1.22
CA ASP B 119 8.08 -4.06 0.21
C ASP B 119 7.32 -2.75 0.54
N PHE B 120 6.02 -2.75 0.29
CA PHE B 120 5.18 -1.59 0.58
C PHE B 120 5.05 -1.36 2.09
N ASN B 121 5.20 -2.43 2.88
CA ASN B 121 5.21 -2.29 4.33
C ASN B 121 6.28 -1.33 4.82
N VAL B 122 7.53 -1.55 4.39
CA VAL B 122 8.62 -0.64 4.74
C VAL B 122 8.39 0.77 4.23
N LEU B 123 7.88 0.87 3.00
CA LEU B 123 7.59 2.17 2.41
C LEU B 123 6.57 2.91 3.28
N PHE B 124 5.47 2.24 3.60
CA PHE B 124 4.36 2.88 4.32
C PHE B 124 4.79 3.29 5.73
N ARG B 125 5.58 2.44 6.36
CA ARG B 125 6.02 2.67 7.73
C ARG B 125 7.07 3.76 7.81
N SER B 126 7.60 4.18 6.68
CA SER B 126 8.64 5.21 6.71
C SER B 126 8.21 6.52 6.02
N LEU B 127 6.95 6.59 5.60
CA LEU B 127 6.38 7.86 5.12
C LEU B 127 6.64 9.00 6.08
N PRO B 128 7.09 10.15 5.56
CA PRO B 128 7.38 11.30 6.43
C PRO B 128 6.13 11.74 7.20
N PRO B 129 6.28 11.98 8.51
CA PRO B 129 5.12 12.38 9.34
C PRO B 129 4.60 13.78 8.99
N ASN B 130 5.50 14.65 8.52
CA ASN B 130 5.17 16.04 8.26
C ASN B 130 4.81 16.34 6.80
N ARG B 131 4.39 15.33 6.05
CA ARG B 131 4.04 15.53 4.66
C ARG B 131 2.76 16.33 4.49
N GLU B 132 2.62 17.02 3.37
CA GLU B 132 1.36 17.69 3.06
C GLU B 132 0.76 17.18 1.75
N PHE B 133 0.73 15.86 1.64
CA PHE B 133 0.02 15.21 0.56
C PHE B 133 -0.64 13.97 1.12
N PHE B 134 -1.74 13.57 0.51
CA PHE B 134 -2.36 12.28 0.80
C PHE B 134 -1.58 11.23 0.01
N ALA B 135 -1.41 10.05 0.60
CA ALA B 135 -0.56 9.02 0.03
C ALA B 135 -1.31 7.72 -0.27
N ALA B 136 -0.92 7.04 -1.34
CA ALA B 136 -1.44 5.72 -1.63
C ALA B 136 -0.40 4.89 -2.38
N GLY B 137 -0.32 3.59 -2.09
CA GLY B 137 0.60 2.71 -2.83
C GLY B 137 -0.17 1.94 -3.89
N VAL B 138 0.46 1.74 -5.05
CA VAL B 138 -0.24 1.14 -6.18
C VAL B 138 0.57 -0.05 -6.68
N PRO B 139 0.13 -1.28 -6.38
CA PRO B 139 0.91 -2.45 -6.79
C PRO B 139 0.60 -2.88 -8.20
N GLY B 140 1.63 -3.03 -9.04
CA GLY B 140 1.42 -3.48 -10.41
C GLY B 140 2.55 -3.06 -11.34
N SER B 141 2.76 -3.82 -12.41
CA SER B 141 3.83 -3.48 -13.38
C SER B 141 3.50 -2.20 -14.10
N PHE B 142 4.44 -1.27 -14.20
CA PHE B 142 4.15 -0.04 -14.94
C PHE B 142 4.21 -0.22 -16.47
N TYR B 143 4.38 -1.46 -16.93
CA TYR B 143 4.16 -1.75 -18.34
C TYR B 143 2.69 -2.07 -18.61
N THR B 144 1.87 -1.94 -17.56
CA THR B 144 0.41 -2.03 -17.69
C THR B 144 -0.24 -0.71 -17.23
N ARG B 145 -1.54 -0.58 -17.47
CA ARG B 145 -2.36 0.51 -16.92
C ARG B 145 -2.57 0.31 -15.44
N VAL B 146 -2.28 1.32 -14.63
CA VAL B 146 -2.53 1.15 -13.21
C VAL B 146 -3.38 2.26 -12.60
N PHE B 147 -3.74 3.26 -13.40
CA PHE B 147 -4.66 4.34 -12.98
C PHE B 147 -5.81 4.48 -13.94
N PRO B 148 -6.92 5.07 -13.48
CA PRO B 148 -7.99 5.47 -14.41
C PRO B 148 -7.46 6.44 -15.47
N LYS B 149 -8.13 6.48 -16.61
CA LYS B 149 -7.68 7.36 -17.67
C LYS B 149 -7.78 8.81 -17.23
N ASN B 150 -6.89 9.64 -17.79
CA ASN B 150 -6.98 11.08 -17.65
C ASN B 150 -6.99 11.53 -16.18
N SER B 151 -6.12 10.95 -15.35
CA SER B 151 -6.18 11.22 -13.91
C SER B 151 -4.89 11.74 -13.30
N ILE B 152 -3.77 11.61 -14.00
CA ILE B 152 -2.50 12.01 -13.41
C ILE B 152 -2.01 13.32 -13.99
N HIS B 153 -1.60 14.23 -13.13
CA HIS B 153 -1.18 15.56 -13.57
C HIS B 153 0.34 15.65 -13.76
N PHE B 154 1.08 14.80 -13.04
CA PHE B 154 2.54 14.82 -13.04
C PHE B 154 3.05 13.42 -12.72
N ALA B 155 3.75 12.83 -13.68
CA ALA B 155 4.34 11.50 -13.47
C ALA B 155 5.86 11.62 -13.27
N HIS B 156 6.42 10.70 -12.52
CA HIS B 156 7.84 10.70 -12.22
C HIS B 156 8.36 9.26 -12.30
N CYS B 157 9.58 9.08 -12.79
CA CYS B 157 10.11 7.74 -12.90
C CYS B 157 11.63 7.81 -12.92
N SER B 158 12.25 7.39 -11.83
CA SER B 158 13.69 7.51 -11.69
C SER B 158 14.37 6.17 -11.47
N TYR B 159 15.30 5.87 -12.37
CA TYR B 159 16.13 4.68 -12.28
C TYR B 159 15.29 3.42 -12.20
N ALA B 160 14.31 3.32 -13.08
CA ALA B 160 13.48 2.13 -13.19
C ALA B 160 13.31 1.64 -14.62
N LEU B 161 13.25 2.55 -15.59
CA LEU B 161 12.87 2.20 -16.96
C LEU B 161 13.95 1.43 -17.72
N HIS B 162 15.11 1.26 -17.12
CA HIS B 162 16.12 0.41 -17.73
C HIS B 162 15.82 -1.06 -17.44
N TRP B 163 14.87 -1.30 -16.53
CA TRP B 163 14.40 -2.66 -16.26
C TRP B 163 13.35 -3.07 -17.27
N LEU B 164 13.68 -4.07 -18.08
CA LEU B 164 12.79 -4.59 -19.09
C LEU B 164 11.71 -5.49 -18.48
N SER B 165 10.67 -5.78 -19.27
CA SER B 165 9.58 -6.66 -18.80
C SER B 165 10.05 -8.11 -18.79
N LYS B 166 11.09 -8.40 -19.57
CA LYS B 166 11.64 -9.74 -19.68
C LYS B 166 12.98 -9.71 -20.40
N VAL B 167 13.72 -10.81 -20.30
CA VAL B 167 14.89 -11.04 -21.12
C VAL B 167 14.44 -11.31 -22.56
N PRO B 168 15.13 -10.72 -23.56
CA PRO B 168 14.83 -11.04 -24.96
C PRO B 168 14.98 -12.54 -25.22
N LYS B 169 14.02 -13.16 -25.89
CA LYS B 169 14.07 -14.61 -26.10
C LYS B 169 15.24 -15.05 -26.95
N GLU B 170 15.66 -14.21 -27.91
CA GLU B 170 16.79 -14.54 -28.79
C GLU B 170 18.06 -14.89 -28.03
N ILE B 171 18.32 -14.20 -26.92
CA ILE B 171 19.60 -14.41 -26.27
C ILE B 171 19.55 -15.66 -25.37
N GLN B 172 18.38 -16.27 -25.27
CA GLN B 172 18.19 -17.53 -24.54
C GLN B 172 18.19 -18.73 -25.47
N ASP B 173 18.26 -18.47 -26.77
CA ASP B 173 18.06 -19.49 -27.79
C ASP B 173 19.42 -20.02 -28.20
N LYS B 174 19.71 -21.28 -27.87
CA LYS B 174 21.02 -21.84 -28.18
C LYS B 174 21.29 -21.86 -29.68
N ASN B 175 20.23 -21.83 -30.49
CA ASN B 175 20.40 -21.86 -31.94
C ASN B 175 20.78 -20.52 -32.56
N SER B 176 20.67 -19.43 -31.78
CA SER B 176 20.89 -18.09 -32.33
C SER B 176 22.30 -17.56 -32.08
N LEU B 177 22.79 -16.70 -32.97
CA LEU B 177 24.07 -16.03 -32.76
C LEU B 177 23.97 -15.04 -31.59
N ALA B 178 22.74 -14.76 -31.15
CA ALA B 178 22.50 -13.87 -30.01
C ALA B 178 22.58 -14.59 -28.67
N TYR B 179 22.84 -15.90 -28.69
CA TYR B 179 22.86 -16.67 -27.44
C TYR B 179 23.96 -16.18 -26.51
N ASN B 180 23.58 -15.74 -25.31
CA ASN B 180 24.49 -15.01 -24.46
C ASN B 180 25.30 -15.93 -23.54
N LYS B 181 26.10 -16.80 -24.15
CA LYS B 181 26.87 -17.78 -23.42
C LYS B 181 27.95 -17.16 -22.54
N GLY B 182 28.10 -17.68 -21.33
CA GLY B 182 29.20 -17.32 -20.45
C GLY B 182 29.21 -15.87 -19.98
N ARG B 183 28.06 -15.21 -20.16
CA ARG B 183 27.88 -13.79 -19.84
C ARG B 183 26.47 -13.61 -19.27
N ILE B 184 26.25 -12.49 -18.58
CA ILE B 184 24.92 -12.24 -18.00
C ILE B 184 24.29 -10.92 -18.48
N HIS B 185 25.02 -10.14 -19.27
CA HIS B 185 24.42 -8.93 -19.83
C HIS B 185 25.13 -8.61 -21.15
N TYR B 186 25.36 -7.33 -21.45
CA TYR B 186 26.11 -6.96 -22.65
C TYR B 186 27.18 -5.92 -22.33
N THR B 187 28.22 -5.85 -23.15
CA THR B 187 29.25 -4.83 -22.99
C THR B 187 29.15 -3.81 -24.12
N GLY B 188 28.55 -4.24 -25.23
CA GLY B 188 28.44 -3.38 -26.40
C GLY B 188 29.21 -3.93 -27.60
N THR B 189 30.11 -4.88 -27.36
CA THR B 189 30.88 -5.47 -28.45
C THR B 189 30.12 -6.56 -29.19
N GLU B 190 29.09 -7.13 -28.57
CA GLU B 190 28.37 -8.25 -29.19
C GLU B 190 27.07 -7.76 -29.84
N LYS B 191 27.13 -7.49 -31.14
CA LYS B 191 26.07 -6.75 -31.84
CA LYS B 191 26.05 -6.73 -31.77
C LYS B 191 24.72 -7.48 -31.83
N HIS B 192 24.76 -8.80 -31.88
CA HIS B 192 23.50 -9.56 -31.87
C HIS B 192 22.79 -9.47 -30.51
N VAL B 193 23.55 -9.54 -29.42
CA VAL B 193 23.01 -9.45 -28.07
C VAL B 193 22.49 -8.04 -27.83
N VAL B 194 23.29 -7.05 -28.17
CA VAL B 194 22.89 -5.65 -28.00
C VAL B 194 21.62 -5.37 -28.78
N LYS B 195 21.53 -5.85 -30.03
CA LYS B 195 20.33 -5.62 -30.83
C LYS B 195 19.10 -6.25 -30.21
N ALA B 196 19.26 -7.45 -29.63
CA ALA B 196 18.14 -8.11 -28.97
C ALA B 196 17.61 -7.30 -27.77
N TYR B 197 18.52 -6.84 -26.93
CA TYR B 197 18.14 -6.00 -25.79
C TYR B 197 17.50 -4.66 -26.22
N PHE B 198 18.03 -4.06 -27.26
CA PHE B 198 17.50 -2.78 -27.75
C PHE B 198 16.09 -2.98 -28.29
N GLY B 199 15.89 -4.08 -29.03
CA GLY B 199 14.55 -4.46 -29.47
C GLY B 199 13.55 -4.58 -28.35
N GLN B 200 13.95 -5.26 -27.27
CA GLN B 200 13.06 -5.46 -26.14
C GLN B 200 12.76 -4.12 -25.49
N PHE B 201 13.78 -3.27 -25.40
CA PHE B 201 13.58 -1.95 -24.81
C PHE B 201 12.58 -1.14 -25.65
N GLN B 202 12.62 -1.22 -27.00
CA GLN B 202 11.72 -0.30 -27.77
C GLN B 202 10.27 -0.72 -27.43
N ARG B 203 10.08 -2.03 -27.33
CA ARG B 203 8.76 -2.60 -27.06
C ARG B 203 8.27 -2.24 -25.67
N ASP B 204 9.16 -2.33 -24.68
CA ASP B 204 8.73 -2.08 -23.31
C ASP B 204 8.48 -0.59 -23.09
N PHE B 205 9.44 0.24 -23.49
CA PHE B 205 9.32 1.68 -23.30
C PHE B 205 8.11 2.21 -24.07
N GLU B 206 7.83 1.64 -25.25
CA GLU B 206 6.62 2.03 -25.99
C GLU B 206 5.36 1.69 -25.20
N GLY B 207 5.33 0.49 -24.61
CA GLY B 207 4.19 0.06 -23.81
C GLY B 207 3.98 0.94 -22.59
N PHE B 208 5.08 1.32 -21.94
CA PHE B 208 5.05 2.25 -20.81
C PHE B 208 4.46 3.61 -21.24
N LEU B 209 4.92 4.15 -22.38
CA LEU B 209 4.45 5.45 -22.84
C LEU B 209 2.98 5.39 -23.23
N LYS B 210 2.58 4.29 -23.86
CA LYS B 210 1.18 4.09 -24.20
C LYS B 210 0.25 4.12 -22.98
N ALA B 211 0.59 3.34 -21.96
CA ALA B 211 -0.17 3.33 -20.70
C ALA B 211 -0.15 4.70 -20.04
N ARG B 212 1.01 5.35 -19.95
CA ARG B 212 1.07 6.69 -19.37
C ARG B 212 0.29 7.74 -20.17
N ALA B 213 0.24 7.63 -21.50
CA ALA B 213 -0.51 8.61 -22.28
C ALA B 213 -2.01 8.53 -21.96
N GLN B 214 -2.48 7.33 -21.65
CA GLN B 214 -3.88 7.15 -21.27
C GLN B 214 -4.18 7.78 -19.91
N GLU B 215 -3.20 7.79 -19.03
CA GLU B 215 -3.39 8.18 -17.63
C GLU B 215 -3.10 9.65 -17.35
N ILE B 216 -2.22 10.24 -18.14
CA ILE B 216 -1.78 11.60 -17.89
C ILE B 216 -2.67 12.57 -18.66
N VAL B 217 -3.06 13.65 -17.99
CA VAL B 217 -3.95 14.66 -18.59
C VAL B 217 -3.23 15.44 -19.70
N VAL B 218 -3.99 16.08 -20.57
CA VAL B 218 -3.39 16.94 -21.61
C VAL B 218 -2.59 18.07 -20.92
N GLY B 219 -1.34 18.26 -21.35
CA GLY B 219 -0.47 19.23 -20.72
C GLY B 219 0.21 18.77 -19.44
N GLY B 220 -0.17 17.60 -18.94
CA GLY B 220 0.49 17.06 -17.77
C GLY B 220 1.94 16.70 -18.10
N LEU B 221 2.82 16.69 -17.10
CA LEU B 221 4.23 16.40 -17.34
C LEU B 221 4.64 15.00 -16.88
N MET B 222 5.72 14.48 -17.48
CA MET B 222 6.37 13.26 -17.01
C MET B 222 7.88 13.49 -17.01
N VAL B 223 8.48 13.33 -15.85
CA VAL B 223 9.93 13.49 -15.71
C VAL B 223 10.57 12.12 -15.48
N ILE B 224 11.55 11.81 -16.31
CA ILE B 224 12.24 10.52 -16.32
C ILE B 224 13.72 10.73 -16.09
N GLN B 225 14.29 9.96 -15.17
CA GLN B 225 15.74 9.82 -15.04
C GLN B 225 16.07 8.34 -15.23
N ILE B 226 17.11 8.06 -16.01
CA ILE B 226 17.43 6.68 -16.35
C ILE B 226 18.93 6.50 -16.58
N PRO B 227 19.51 5.40 -16.05
CA PRO B 227 20.90 5.12 -16.43
C PRO B 227 20.96 4.81 -17.91
N GLY B 228 21.93 5.37 -18.61
CA GLY B 228 21.97 5.22 -20.05
C GLY B 228 23.37 5.19 -20.61
N LEU B 229 23.46 5.39 -21.92
CA LEU B 229 24.71 5.48 -22.63
C LEU B 229 25.10 6.95 -22.69
N PRO B 230 26.25 7.32 -22.12
CA PRO B 230 26.70 8.71 -22.10
C PRO B 230 26.87 9.24 -23.51
N SER B 231 26.78 10.56 -23.65
CA SER B 231 26.92 11.21 -24.94
C SER B 231 28.16 10.74 -25.67
N GLY B 232 27.97 10.30 -26.91
CA GLY B 232 29.08 9.94 -27.77
C GLY B 232 29.68 8.59 -27.49
N GLU B 233 29.18 7.89 -26.47
CA GLU B 233 29.76 6.61 -26.07
C GLU B 233 29.08 5.45 -26.78
N VAL B 234 29.86 4.48 -27.23
CA VAL B 234 29.28 3.31 -27.86
C VAL B 234 29.29 2.10 -26.92
N LEU B 235 30.27 2.02 -26.04
CA LEU B 235 30.43 0.84 -25.17
C LEU B 235 29.80 1.03 -23.81
N PHE B 236 28.73 0.29 -23.56
CA PHE B 236 28.08 0.24 -22.26
C PHE B 236 29.07 -0.13 -21.14
N SER B 237 30.10 -0.92 -21.48
CA SER B 237 31.04 -1.38 -20.45
C SER B 237 31.92 -0.23 -19.95
N ARG B 238 31.82 0.91 -20.62
CA ARG B 238 32.53 2.11 -20.18
C ARG B 238 31.75 2.91 -19.13
N THR B 239 30.52 2.50 -18.81
CA THR B 239 29.77 3.09 -17.69
C THR B 239 29.97 2.31 -16.40
N GLY B 240 29.58 2.89 -15.26
CA GLY B 240 29.63 2.17 -14.01
C GLY B 240 28.74 0.94 -13.99
N ALA B 241 27.50 1.09 -14.43
CA ALA B 241 26.59 -0.06 -14.51
C ALA B 241 27.17 -1.19 -15.37
N GLY B 242 27.68 -0.84 -16.55
CA GLY B 242 28.23 -1.80 -17.50
C GLY B 242 29.37 -2.61 -16.90
N LEU B 243 30.28 -1.92 -16.23
CA LEU B 243 31.42 -2.61 -15.62
C LEU B 243 30.98 -3.42 -14.40
N LEU B 244 30.05 -2.89 -13.61
CA LEU B 244 29.51 -3.63 -12.48
C LEU B 244 28.83 -4.93 -12.94
N HIS B 245 28.15 -4.89 -14.08
CA HIS B 245 27.54 -6.11 -14.62
C HIS B 245 28.58 -7.07 -15.18
N PHE B 246 29.56 -6.53 -15.89
CA PHE B 246 30.62 -7.37 -16.45
C PHE B 246 31.28 -8.17 -15.35
N LEU B 247 31.60 -7.50 -14.25
CA LEU B 247 32.31 -8.12 -13.15
C LEU B 247 31.39 -9.07 -12.36
N LEU B 248 30.08 -8.86 -12.43
CA LEU B 248 29.16 -9.78 -11.78
C LEU B 248 29.13 -11.08 -12.59
N GLY B 249 29.16 -10.96 -13.91
CA GLY B 249 29.28 -12.10 -14.78
C GLY B 249 30.57 -12.85 -14.53
N THR B 250 31.70 -12.16 -14.50
CA THR B 250 32.99 -12.86 -14.30
C THR B 250 33.05 -13.51 -12.91
N SER B 251 32.41 -12.91 -11.90
CA SER B 251 32.39 -13.49 -10.56
C SER B 251 31.57 -14.80 -10.53
N LEU B 252 30.47 -14.81 -11.29
CA LEU B 252 29.68 -16.03 -11.45
C LEU B 252 30.48 -17.13 -12.15
N MET B 253 31.27 -16.74 -13.16
CA MET B 253 32.07 -17.73 -13.88
C MET B 253 33.22 -18.26 -13.01
N GLU B 254 33.67 -17.48 -12.03
CA GLU B 254 34.62 -17.99 -11.04
C GLU B 254 33.97 -19.05 -10.18
N LEU B 255 32.69 -18.89 -9.86
CA LEU B 255 31.94 -19.90 -9.10
C LEU B 255 31.75 -21.16 -9.92
N VAL B 256 31.58 -20.99 -11.23
CA VAL B 256 31.55 -22.14 -12.13
C VAL B 256 32.89 -22.87 -12.07
N ASN B 257 33.97 -22.11 -12.20
CA ASN B 257 35.31 -22.69 -12.18
C ASN B 257 35.58 -23.46 -10.87
N LYS B 258 35.03 -22.95 -9.77
CA LYS B 258 35.23 -23.55 -8.44
C LYS B 258 34.26 -24.68 -8.15
N GLY B 259 33.36 -24.94 -9.10
CA GLY B 259 32.42 -26.04 -8.99
C GLY B 259 31.29 -25.75 -8.03
N ILE B 260 31.08 -24.47 -7.75
CA ILE B 260 30.03 -24.05 -6.83
C ILE B 260 28.65 -23.88 -7.53
N ILE B 261 28.68 -23.55 -8.82
CA ILE B 261 27.49 -23.61 -9.68
C ILE B 261 27.90 -24.21 -11.02
N ASN B 262 26.96 -24.75 -11.78
CA ASN B 262 27.35 -25.31 -13.08
C ASN B 262 27.30 -24.24 -14.17
N GLU B 263 27.99 -24.52 -15.27
CA GLU B 263 28.20 -23.52 -16.32
C GLU B 263 26.89 -23.14 -17.00
N GLU B 264 26.02 -24.14 -17.20
CA GLU B 264 24.73 -23.91 -17.81
C GLU B 264 23.88 -22.89 -17.04
N SER B 265 24.00 -22.86 -15.72
CA SER B 265 23.18 -21.92 -14.94
C SER B 265 23.59 -20.48 -15.24
N VAL B 266 24.86 -20.23 -15.53
CA VAL B 266 25.28 -18.88 -15.94
C VAL B 266 24.91 -18.61 -17.39
N ASP B 267 25.12 -19.58 -18.28
CA ASP B 267 24.72 -19.43 -19.67
C ASP B 267 23.27 -18.97 -19.78
N SER B 268 22.39 -19.63 -19.02
CA SER B 268 20.95 -19.38 -19.11
C SER B 268 20.47 -18.16 -18.35
N PHE B 269 21.36 -17.57 -17.54
CA PHE B 269 21.01 -16.36 -16.76
C PHE B 269 21.39 -15.09 -17.50
N ASN B 270 20.46 -14.13 -17.53
CA ASN B 270 20.70 -12.82 -18.15
C ASN B 270 19.93 -11.72 -17.42
N LEU B 271 20.53 -10.55 -17.29
CA LEU B 271 19.85 -9.40 -16.68
C LEU B 271 18.84 -8.78 -17.67
N PRO B 272 17.58 -8.60 -17.23
CA PRO B 272 16.58 -7.95 -18.09
C PRO B 272 16.69 -6.42 -18.00
N GLN B 273 17.74 -5.89 -18.61
CA GLN B 273 18.03 -4.46 -18.62
C GLN B 273 18.54 -3.96 -19.96
N TYR B 274 18.22 -2.70 -20.28
CA TYR B 274 18.83 -1.99 -21.41
C TYR B 274 19.09 -0.55 -20.99
N HIS B 275 20.29 -0.04 -21.27
CA HIS B 275 20.68 1.32 -20.91
C HIS B 275 20.79 2.17 -22.17
N PRO B 276 19.72 2.91 -22.48
CA PRO B 276 19.59 3.55 -23.79
C PRO B 276 20.45 4.82 -23.96
N SER B 277 20.78 5.14 -25.19
CA SER B 277 21.30 6.46 -25.53
C SER B 277 20.13 7.45 -25.54
N VAL B 278 20.44 8.75 -25.57
CA VAL B 278 19.40 9.75 -25.77
C VAL B 278 18.68 9.50 -27.09
N GLU B 279 19.43 9.12 -28.13
CA GLU B 279 18.83 8.91 -29.43
C GLU B 279 17.89 7.70 -29.43
N ASP B 280 18.25 6.67 -28.66
CA ASP B 280 17.36 5.52 -28.46
C ASP B 280 16.03 5.98 -27.86
N LEU B 281 16.11 6.79 -26.81
CA LEU B 281 14.92 7.29 -26.13
C LEU B 281 14.07 8.12 -27.06
N GLU B 282 14.71 9.07 -27.76
CA GLU B 282 13.98 9.97 -28.66
C GLU B 282 13.24 9.21 -29.74
N MET B 283 13.86 8.16 -30.23
CA MET B 283 13.26 7.39 -31.31
C MET B 283 11.96 6.71 -30.85
N VAL B 284 11.98 6.15 -29.65
CA VAL B 284 10.77 5.52 -29.12
C VAL B 284 9.69 6.58 -28.86
N ILE B 285 10.08 7.70 -28.28
CA ILE B 285 9.12 8.75 -27.93
C ILE B 285 8.48 9.32 -29.21
N GLU B 286 9.29 9.53 -30.25
CA GLU B 286 8.76 10.10 -31.49
C GLU B 286 7.80 9.12 -32.15
N MET B 287 8.12 7.83 -32.14
CA MET B 287 7.24 6.83 -32.73
C MET B 287 5.93 6.66 -31.96
N ASN B 288 5.99 6.77 -30.64
CA ASN B 288 4.79 6.72 -29.82
C ASN B 288 3.87 7.93 -30.09
N ASP B 289 4.49 9.10 -30.23
CA ASP B 289 3.84 10.32 -30.72
C ASP B 289 2.78 10.90 -29.76
N CYS B 290 2.80 10.50 -28.48
CA CYS B 290 1.84 11.01 -27.53
C CYS B 290 2.42 12.08 -26.60
N PHE B 291 3.74 12.18 -26.55
CA PHE B 291 4.40 13.19 -25.73
C PHE B 291 5.35 14.01 -26.57
N THR B 292 5.53 15.28 -26.18
CA THR B 292 6.61 16.09 -26.73
C THR B 292 7.77 16.11 -25.75
N ILE B 293 8.98 16.10 -26.28
CA ILE B 293 10.15 16.20 -25.44
C ILE B 293 10.44 17.67 -25.16
N GLU B 294 10.15 18.13 -23.95
CA GLU B 294 10.34 19.54 -23.61
C GLU B 294 11.76 19.83 -23.18
N ARG B 295 12.38 18.84 -22.54
CA ARG B 295 13.76 18.95 -22.07
C ARG B 295 14.40 17.56 -22.13
N VAL B 296 15.70 17.51 -22.38
CA VAL B 296 16.44 16.24 -22.34
C VAL B 296 17.91 16.57 -22.12
N GLY B 297 18.59 15.74 -21.35
CA GLY B 297 20.01 15.95 -21.14
C GLY B 297 20.66 14.94 -20.22
N THR B 298 21.80 15.33 -19.69
CA THR B 298 22.53 14.52 -18.75
C THR B 298 22.63 15.25 -17.43
N LEU B 299 22.44 14.54 -16.32
CA LEU B 299 22.54 15.13 -15.00
C LEU B 299 23.98 15.20 -14.50
N PRO B 300 24.32 16.26 -13.78
CA PRO B 300 25.61 16.28 -13.07
C PRO B 300 25.49 15.60 -11.70
N HIS B 301 26.02 14.38 -11.57
CA HIS B 301 25.78 13.62 -10.35
C HIS B 301 26.65 14.11 -9.19
N PRO B 302 26.03 14.35 -8.02
CA PRO B 302 26.73 14.95 -6.88
C PRO B 302 27.84 14.09 -6.28
N MET B 303 27.93 12.82 -6.66
CA MET B 303 28.97 11.94 -6.12
C MET B 303 30.16 11.78 -7.07
N LYS B 304 30.16 12.57 -8.13
CA LYS B 304 31.17 12.50 -9.19
C LYS B 304 32.62 12.50 -8.71
N ASN B 305 32.91 13.22 -7.64
CA ASN B 305 34.29 13.43 -7.22
C ASN B 305 34.68 12.76 -5.91
N LEU B 306 33.80 11.93 -5.39
CA LEU B 306 34.13 11.13 -4.21
C LEU B 306 34.95 9.92 -4.64
N PRO B 307 35.80 9.39 -3.74
CA PRO B 307 36.54 8.18 -4.10
C PRO B 307 35.62 6.97 -4.22
N PHE B 308 35.93 6.08 -5.16
CA PHE B 308 35.18 4.82 -5.31
C PHE B 308 35.14 4.09 -3.99
N ASP B 309 33.95 3.64 -3.60
CA ASP B 309 33.76 2.95 -2.33
C ASP B 309 33.43 1.50 -2.63
N VAL B 310 34.38 0.61 -2.41
CA VAL B 310 34.23 -0.79 -2.74
C VAL B 310 33.11 -1.46 -1.94
N GLN B 311 33.12 -1.30 -0.62
CA GLN B 311 32.13 -1.99 0.22
C GLN B 311 30.70 -1.50 -0.03
N ARG B 312 30.51 -0.18 -0.12
CA ARG B 312 29.17 0.37 -0.36
C ARG B 312 28.64 -0.03 -1.73
N THR B 313 29.52 -0.06 -2.74
CA THR B 313 29.10 -0.42 -4.09
C THR B 313 28.68 -1.89 -4.18
N SER B 314 29.46 -2.79 -3.58
CA SER B 314 29.09 -4.21 -3.49
C SER B 314 27.71 -4.37 -2.82
N LEU B 315 27.50 -3.66 -1.70
CA LEU B 315 26.21 -3.68 -1.01
C LEU B 315 25.09 -3.05 -1.85
N GLN B 316 25.39 -1.98 -2.58
CA GLN B 316 24.42 -1.38 -3.49
C GLN B 316 23.95 -2.40 -4.54
N VAL B 317 24.88 -3.14 -5.10
CA VAL B 317 24.55 -4.11 -6.15
C VAL B 317 23.80 -5.30 -5.58
N ARG B 318 24.20 -5.78 -4.40
CA ARG B 318 23.47 -6.90 -3.80
C ARG B 318 22.02 -6.50 -3.50
N ALA B 319 21.83 -5.30 -3.00
CA ALA B 319 20.47 -4.83 -2.68
C ALA B 319 19.58 -4.84 -3.94
N ILE B 320 20.16 -4.45 -5.07
CA ILE B 320 19.47 -4.47 -6.35
C ILE B 320 19.22 -5.89 -6.87
N MET B 321 20.23 -6.74 -6.80
CA MET B 321 20.24 -8.02 -7.51
C MET B 321 19.86 -9.24 -6.69
N GLU B 322 19.74 -9.10 -5.38
CA GLU B 322 19.58 -10.30 -4.56
C GLU B 322 18.36 -11.14 -4.97
N CYS B 323 17.23 -10.49 -5.24
CA CYS B 323 16.00 -11.21 -5.61
CA CYS B 323 16.01 -11.22 -5.60
C CYS B 323 16.16 -11.98 -6.92
N ILE B 324 16.57 -11.30 -7.99
CA ILE B 324 16.72 -12.00 -9.26
C ILE B 324 17.81 -13.10 -9.20
N LEU B 325 18.90 -12.85 -8.47
CA LEU B 325 19.94 -13.87 -8.35
C LEU B 325 19.43 -15.09 -7.57
N THR B 326 18.72 -14.83 -6.48
CA THR B 326 18.19 -15.93 -5.66
C THR B 326 17.21 -16.81 -6.44
N GLU B 327 16.35 -16.18 -7.23
CA GLU B 327 15.36 -16.94 -7.98
CA GLU B 327 15.36 -16.93 -7.99
C GLU B 327 16.01 -17.89 -8.98
N HIS B 328 17.13 -17.45 -9.58
CA HIS B 328 17.80 -18.30 -10.57
C HIS B 328 18.81 -19.27 -9.96
N PHE B 329 19.63 -18.80 -9.02
CA PHE B 329 20.76 -19.60 -8.53
C PHE B 329 20.53 -20.25 -7.16
N GLY B 330 19.55 -19.74 -6.41
CA GLY B 330 19.31 -20.23 -5.06
C GLY B 330 20.05 -19.37 -4.06
N GLU B 331 19.57 -19.32 -2.82
CA GLU B 331 20.14 -18.36 -1.88
C GLU B 331 21.52 -18.75 -1.37
N ASN B 332 21.87 -20.02 -1.45
CA ASN B 332 23.18 -20.47 -0.97
C ASN B 332 24.35 -19.84 -1.76
N ILE B 333 24.04 -19.31 -2.94
CA ILE B 333 25.05 -18.74 -3.85
C ILE B 333 25.44 -17.31 -3.48
N LEU B 334 24.54 -16.59 -2.81
CA LEU B 334 24.73 -15.15 -2.61
C LEU B 334 26.00 -14.75 -1.88
N ASP B 335 26.24 -15.33 -0.71
CA ASP B 335 27.43 -14.95 0.04
C ASP B 335 28.74 -15.29 -0.72
N PRO B 336 28.89 -16.53 -1.23
CA PRO B 336 30.10 -16.78 -2.01
C PRO B 336 30.25 -15.85 -3.23
N LEU B 337 29.15 -15.57 -3.92
CA LEU B 337 29.18 -14.68 -5.09
C LEU B 337 29.68 -13.29 -4.73
N PHE B 338 29.20 -12.72 -3.63
CA PHE B 338 29.56 -11.34 -3.32
C PHE B 338 30.90 -11.25 -2.58
N GLU B 339 31.36 -12.36 -2.01
CA GLU B 339 32.74 -12.41 -1.53
C GLU B 339 33.69 -12.23 -2.73
N ILE B 340 33.42 -12.97 -3.80
CA ILE B 340 34.24 -12.85 -5.00
C ILE B 340 34.04 -11.50 -5.69
N TYR B 341 32.79 -11.02 -5.72
CA TYR B 341 32.48 -9.73 -6.36
C TYR B 341 33.24 -8.58 -5.72
N THR B 342 33.23 -8.54 -4.40
CA THR B 342 33.93 -7.51 -3.65
C THR B 342 35.43 -7.50 -3.99
N LYS B 343 36.02 -8.70 -4.05
CA LYS B 343 37.42 -8.85 -4.47
C LYS B 343 37.65 -8.27 -5.85
N ASN B 344 36.73 -8.52 -6.78
CA ASN B 344 36.88 -8.04 -8.14
C ASN B 344 36.64 -6.52 -8.25
N LEU B 345 35.75 -5.97 -7.43
CA LEU B 345 35.62 -4.52 -7.38
C LEU B 345 36.94 -3.89 -6.89
N GLN B 346 37.55 -4.50 -5.88
CA GLN B 346 38.83 -4.00 -5.35
C GLN B 346 39.94 -4.08 -6.40
N GLU B 347 39.98 -5.17 -7.17
CA GLU B 347 40.97 -5.32 -8.22
C GLU B 347 40.78 -4.29 -9.32
N ASN B 348 39.56 -3.79 -9.45
CA ASN B 348 39.28 -2.80 -10.47
C ASN B 348 39.10 -1.41 -9.88
N PHE B 349 39.66 -1.17 -8.70
CA PHE B 349 39.47 0.11 -8.02
C PHE B 349 39.78 1.32 -8.91
N HIS B 350 40.91 1.28 -9.62
CA HIS B 350 41.34 2.46 -10.37
C HIS B 350 40.43 2.71 -11.58
N VAL B 351 39.91 1.63 -12.16
CA VAL B 351 39.02 1.76 -13.31
C VAL B 351 37.74 2.50 -12.93
N PHE B 352 37.10 2.03 -11.86
CA PHE B 352 35.89 2.68 -11.34
C PHE B 352 36.18 4.11 -10.88
N ASP B 353 37.33 4.30 -10.25
CA ASP B 353 37.65 5.57 -9.59
C ASP B 353 37.95 6.70 -10.57
N LYS B 354 38.65 6.36 -11.65
CA LYS B 354 39.22 7.37 -12.54
C LYS B 354 38.89 7.21 -14.02
N GLU B 355 38.60 5.99 -14.47
CA GLU B 355 38.53 5.74 -15.91
C GLU B 355 37.11 5.67 -16.47
N ILE B 356 36.20 5.16 -15.66
CA ILE B 356 34.81 4.96 -16.05
C ILE B 356 34.14 6.32 -16.35
N ARG B 357 33.23 6.35 -17.32
CA ARG B 357 32.43 7.55 -17.55
C ARG B 357 31.36 7.70 -16.49
N LYS B 358 31.30 8.87 -15.85
CA LYS B 358 30.34 9.09 -14.77
C LYS B 358 29.18 9.98 -15.19
N ASP B 359 29.11 10.29 -16.49
CA ASP B 359 28.01 11.09 -17.01
C ASP B 359 26.97 10.21 -17.72
N ALA B 360 26.45 9.21 -17.00
CA ALA B 360 25.50 8.25 -17.59
C ALA B 360 24.07 8.44 -17.09
N ASP B 361 23.83 9.48 -16.31
CA ASP B 361 22.49 9.77 -15.80
C ASP B 361 21.69 10.67 -16.73
N LEU B 362 20.81 10.07 -17.51
CA LEU B 362 20.04 10.82 -18.50
C LEU B 362 18.70 11.26 -17.92
N TYR B 363 18.19 12.40 -18.38
CA TYR B 363 16.82 12.78 -18.00
C TYR B 363 15.97 13.24 -19.18
N LEU B 364 14.66 13.14 -19.00
CA LEU B 364 13.68 13.64 -19.95
C LEU B 364 12.60 14.41 -19.21
N VAL B 365 12.16 15.52 -19.81
CA VAL B 365 10.90 16.16 -19.43
C VAL B 365 9.91 16.03 -20.59
N LEU B 366 8.87 15.22 -20.38
CA LEU B 366 7.86 15.03 -21.41
C LEU B 366 6.58 15.78 -21.06
N LYS B 367 5.84 16.21 -22.08
CA LYS B 367 4.53 16.82 -21.88
C LYS B 367 3.49 16.12 -22.74
N ARG B 368 2.40 15.69 -22.13
CA ARG B 368 1.36 14.95 -22.82
C ARG B 368 0.61 15.83 -23.82
N LYS B 369 0.55 15.39 -25.08
CA LYS B 369 -0.05 16.15 -26.18
C LYS B 369 -1.58 16.22 -26.17
N GLY B 370 -2.12 17.28 -26.78
CA GLY B 370 -3.53 17.34 -27.09
C GLY B 370 -3.87 16.50 -28.30
N ASN B 371 -4.58 17.07 -29.27
CA ASN B 371 -4.96 16.33 -30.48
C ASN B 371 -5.03 17.21 -31.72
#